data_1TAE
#
_entry.id   1TAE
#
_cell.length_a   62.296
_cell.length_b   135.179
_cell.length_c   115.797
_cell.angle_alpha   90.00
_cell.angle_beta   102.29
_cell.angle_gamma   90.00
#
_symmetry.space_group_name_H-M   'P 1 21 1'
#
loop_
_entity.id
_entity.type
_entity.pdbx_description
1 polymer 'DNA ligase, NAD-dependent'
2 non-polymer 'SULFATE ION'
3 non-polymer NICOTINAMIDE-ADENINE-DINUCLEOTIDE
4 non-polymer 'SODIUM ION'
5 water water
#
_entity_poly.entity_id   1
_entity_poly.type   'polypeptide(L)'
_entity_poly.pdbx_seq_one_letter_code
;MEQQPLTLTAATTRAQELRKQLNQYSHEYYVKDQPSVEDYVYDRLYKELVDIETEFPDLITPDSPTQRVGGKVLSGFEKA
PHDIPMYSLNDGFSKEDIFAFDERVRKAIGKPVAYCCELKIDGLAISLRYENGVFVRGATRGDGTVGENITENLRTVRSV
PMRLTEPISVEVRGECYMPKQSFVALNEEREENGQDIFANPRNAAAGSLRQLDTKIVAKRNLNTFLYTVADFGPMKAKTQ
FEALEELSAIGFRTNPERQLCQSIDEVWAYIEEYHEKRSTLPYEIDGIVIKVNEFALQDELGFTVKAPRWAIAYKFPPEE
AETVLEHHHHHH
;
_entity_poly.pdbx_strand_id   A,B,C,D
#
# COMPACT_ATOMS: atom_id res chain seq x y z
N GLN A 4 -13.58 21.79 -30.89
CA GLN A 4 -13.48 20.32 -30.67
C GLN A 4 -13.48 19.58 -32.02
N PRO A 5 -12.28 19.25 -32.53
CA PRO A 5 -12.06 18.56 -33.81
C PRO A 5 -13.07 17.46 -34.13
N LEU A 6 -13.47 16.75 -33.10
CA LEU A 6 -14.43 15.68 -33.29
C LEU A 6 -15.82 16.24 -33.00
N THR A 7 -16.78 15.90 -33.84
CA THR A 7 -18.13 16.35 -33.65
C THR A 7 -18.82 15.29 -32.78
N LEU A 8 -19.90 15.66 -32.11
CA LEU A 8 -20.60 14.73 -31.25
C LEU A 8 -20.86 13.38 -31.93
N THR A 9 -21.32 13.39 -33.18
CA THR A 9 -21.59 12.14 -33.90
C THR A 9 -20.34 11.30 -34.13
N ALA A 10 -19.27 11.95 -34.62
CA ALA A 10 -18.00 11.26 -34.89
C ALA A 10 -17.43 10.59 -33.64
N ALA A 11 -17.48 11.30 -32.51
CA ALA A 11 -16.96 10.77 -31.26
C ALA A 11 -17.80 9.63 -30.71
N THR A 12 -19.12 9.74 -30.86
CA THR A 12 -19.98 8.70 -30.33
C THR A 12 -19.74 7.38 -31.07
N THR A 13 -19.82 7.43 -32.39
CA THR A 13 -19.61 6.25 -33.21
C THR A 13 -18.24 5.68 -32.93
N ARG A 14 -17.25 6.57 -32.82
CA ARG A 14 -15.88 6.15 -32.57
C ARG A 14 -15.76 5.47 -31.21
N ALA A 15 -16.39 6.04 -30.20
CA ALA A 15 -16.38 5.47 -28.86
C ALA A 15 -17.03 4.08 -28.85
N GLN A 16 -18.05 3.88 -29.68
CA GLN A 16 -18.70 2.58 -29.77
C GLN A 16 -17.72 1.59 -30.41
N GLU A 17 -17.17 1.93 -31.57
CA GLU A 17 -16.19 1.07 -32.24
C GLU A 17 -15.12 0.69 -31.22
N LEU A 18 -14.54 1.71 -30.59
CA LEU A 18 -13.49 1.53 -29.60
C LEU A 18 -13.89 0.64 -28.42
N ARG A 19 -15.08 0.86 -27.87
CA ARG A 19 -15.54 0.05 -26.74
C ARG A 19 -15.61 -1.44 -27.09
N LYS A 20 -16.22 -1.78 -28.23
CA LYS A 20 -16.34 -3.18 -28.61
C LYS A 20 -14.96 -3.78 -28.87
N GLN A 21 -14.25 -3.21 -29.83
CA GLN A 21 -12.90 -3.64 -30.19
C GLN A 21 -12.06 -3.86 -28.92
N LEU A 22 -11.98 -2.85 -28.05
CA LEU A 22 -11.20 -3.00 -26.83
C LEU A 22 -11.73 -4.11 -25.91
N ASN A 23 -13.04 -4.16 -25.71
CA ASN A 23 -13.65 -5.20 -24.86
C ASN A 23 -13.29 -6.59 -25.37
N GLN A 24 -13.41 -6.77 -26.68
CA GLN A 24 -13.06 -8.03 -27.31
C GLN A 24 -11.62 -8.40 -26.94
N TYR A 25 -10.69 -7.47 -27.13
CA TYR A 25 -9.30 -7.72 -26.82
C TYR A 25 -9.03 -8.03 -25.36
N SER A 26 -9.77 -7.42 -24.45
CA SER A 26 -9.56 -7.68 -23.02
C SER A 26 -9.94 -9.10 -22.72
N HIS A 27 -11.04 -9.53 -23.29
CA HIS A 27 -11.53 -10.89 -23.08
C HIS A 27 -10.48 -11.92 -23.49
N GLU A 28 -9.84 -11.69 -24.63
CA GLU A 28 -8.83 -12.62 -25.13
C GLU A 28 -7.56 -12.57 -24.28
N TYR A 29 -7.27 -11.41 -23.70
CA TYR A 29 -6.07 -11.23 -22.89
C TYR A 29 -6.19 -11.69 -21.44
N TYR A 30 -7.37 -11.56 -20.86
CA TYR A 30 -7.56 -11.97 -19.49
C TYR A 30 -8.29 -13.29 -19.40
N VAL A 31 -9.41 -13.40 -20.09
CA VAL A 31 -10.21 -14.61 -20.05
C VAL A 31 -9.66 -15.76 -20.90
N LYS A 32 -8.53 -15.55 -21.56
CA LYS A 32 -7.96 -16.61 -22.38
C LYS A 32 -6.45 -16.57 -22.46
N ASP A 33 -5.84 -15.59 -21.80
CA ASP A 33 -4.39 -15.43 -21.83
C ASP A 33 -3.89 -15.76 -23.23
N GLN A 34 -4.66 -15.32 -24.22
CA GLN A 34 -4.37 -15.58 -25.62
C GLN A 34 -4.83 -14.38 -26.46
N PRO A 35 -4.12 -13.24 -26.34
CA PRO A 35 -4.41 -12.00 -27.05
C PRO A 35 -4.15 -12.05 -28.56
N SER A 36 -4.98 -11.39 -29.35
CA SER A 36 -4.82 -11.40 -30.80
C SER A 36 -4.08 -10.16 -31.30
N VAL A 37 -3.85 -9.19 -30.43
CA VAL A 37 -3.14 -7.98 -30.83
C VAL A 37 -2.01 -7.67 -29.86
N GLU A 38 -1.02 -6.92 -30.34
CA GLU A 38 0.12 -6.55 -29.54
C GLU A 38 -0.39 -5.61 -28.44
N ASP A 39 0.28 -5.60 -27.30
CA ASP A 39 -0.12 -4.76 -26.18
C ASP A 39 -0.18 -3.27 -26.49
N TYR A 40 0.70 -2.82 -27.39
CA TYR A 40 0.71 -1.41 -27.72
C TYR A 40 -0.41 -1.05 -28.70
N VAL A 41 -0.83 -2.04 -29.48
CA VAL A 41 -1.93 -1.79 -30.39
C VAL A 41 -3.14 -1.53 -29.50
N TYR A 42 -3.31 -2.38 -28.50
CA TYR A 42 -4.41 -2.23 -27.57
C TYR A 42 -4.29 -0.86 -26.89
N ASP A 43 -3.12 -0.59 -26.32
CA ASP A 43 -2.90 0.67 -25.63
C ASP A 43 -3.20 1.91 -26.46
N ARG A 44 -2.91 1.87 -27.75
CA ARG A 44 -3.13 3.04 -28.60
C ARG A 44 -4.62 3.29 -28.69
N LEU A 45 -5.35 2.23 -29.03
CA LEU A 45 -6.80 2.29 -29.15
C LEU A 45 -7.44 2.71 -27.82
N TYR A 46 -6.94 2.14 -26.73
CA TYR A 46 -7.46 2.42 -25.41
C TYR A 46 -7.31 3.89 -25.09
N LYS A 47 -6.13 4.41 -25.42
CA LYS A 47 -5.79 5.82 -25.19
C LYS A 47 -6.72 6.73 -25.99
N GLU A 48 -7.16 6.29 -27.15
CA GLU A 48 -8.06 7.14 -27.94
C GLU A 48 -9.41 7.20 -27.25
N LEU A 49 -9.89 6.05 -26.79
CA LEU A 49 -11.17 6.00 -26.12
C LEU A 49 -11.14 6.97 -24.95
N VAL A 50 -10.09 6.87 -24.12
CA VAL A 50 -9.95 7.76 -22.98
C VAL A 50 -10.03 9.24 -23.40
N ASP A 51 -9.39 9.58 -24.51
CA ASP A 51 -9.45 10.97 -24.95
C ASP A 51 -10.86 11.38 -25.32
N ILE A 52 -11.57 10.52 -26.04
CA ILE A 52 -12.94 10.83 -26.44
C ILE A 52 -13.84 10.92 -25.21
N GLU A 53 -13.62 10.04 -24.23
CA GLU A 53 -14.42 10.05 -23.00
C GLU A 53 -14.12 11.29 -22.20
N THR A 54 -12.89 11.77 -22.31
CA THR A 54 -12.53 12.97 -21.59
C THR A 54 -13.08 14.19 -22.31
N GLU A 55 -13.18 14.13 -23.64
CA GLU A 55 -13.69 15.26 -24.40
C GLU A 55 -15.21 15.30 -24.35
N PHE A 56 -15.83 14.13 -24.16
CA PHE A 56 -17.29 14.05 -24.09
C PHE A 56 -17.67 13.05 -23.01
N PRO A 57 -17.56 13.46 -21.75
CA PRO A 57 -17.89 12.60 -20.58
C PRO A 57 -19.25 11.96 -20.68
N ASP A 58 -20.13 12.60 -21.42
CA ASP A 58 -21.49 12.09 -21.60
C ASP A 58 -21.48 10.75 -22.35
N LEU A 59 -20.36 10.43 -22.99
CA LEU A 59 -20.24 9.18 -23.74
C LEU A 59 -19.72 7.97 -22.92
N ILE A 60 -19.28 8.22 -21.70
CA ILE A 60 -18.78 7.16 -20.83
C ILE A 60 -19.97 6.27 -20.49
N THR A 61 -19.79 4.96 -20.65
CA THR A 61 -20.86 4.01 -20.34
C THR A 61 -20.31 2.97 -19.35
N PRO A 62 -21.20 2.25 -18.65
CA PRO A 62 -20.76 1.25 -17.69
C PRO A 62 -19.89 0.14 -18.29
N ASP A 63 -20.21 -0.25 -19.52
CA ASP A 63 -19.48 -1.32 -20.18
C ASP A 63 -18.12 -0.91 -20.73
N SER A 64 -17.83 0.39 -20.75
CA SER A 64 -16.56 0.86 -21.28
C SER A 64 -15.38 0.28 -20.52
N PRO A 65 -14.32 -0.13 -21.25
CA PRO A 65 -13.14 -0.68 -20.59
C PRO A 65 -12.47 0.30 -19.63
N THR A 66 -12.79 1.60 -19.76
CA THR A 66 -12.21 2.58 -18.86
C THR A 66 -12.81 2.44 -17.47
N GLN A 67 -13.97 1.80 -17.39
CA GLN A 67 -14.67 1.62 -16.13
C GLN A 67 -14.48 0.23 -15.53
N ARG A 68 -13.65 -0.60 -16.14
CA ARG A 68 -13.45 -1.97 -15.66
C ARG A 68 -11.98 -2.34 -15.49
N VAL A 69 -11.70 -3.27 -14.58
CA VAL A 69 -10.34 -3.73 -14.36
C VAL A 69 -10.26 -5.23 -14.71
N GLY A 70 -9.08 -5.67 -15.14
CA GLY A 70 -8.89 -7.07 -15.47
C GLY A 70 -9.99 -7.72 -16.30
N GLY A 71 -10.50 -8.86 -15.83
CA GLY A 71 -11.54 -9.55 -16.57
C GLY A 71 -12.31 -10.61 -15.82
N LYS A 72 -13.31 -11.19 -16.47
CA LYS A 72 -14.15 -12.23 -15.88
C LYS A 72 -13.32 -13.43 -15.46
N VAL A 73 -13.67 -14.03 -14.34
CA VAL A 73 -12.94 -15.19 -13.82
C VAL A 73 -13.06 -16.46 -14.65
N LEU A 74 -11.93 -17.12 -14.83
CA LEU A 74 -11.84 -18.37 -15.59
C LEU A 74 -12.54 -19.49 -14.82
N SER A 75 -13.85 -19.60 -15.02
CA SER A 75 -14.68 -20.62 -14.38
C SER A 75 -13.92 -21.69 -13.60
N GLY A 76 -13.45 -22.70 -14.33
CA GLY A 76 -12.70 -23.81 -13.77
C GLY A 76 -12.22 -23.73 -12.34
N PHE A 77 -11.63 -22.60 -11.95
CA PHE A 77 -11.14 -22.43 -10.59
C PHE A 77 -12.26 -21.99 -9.65
N GLU A 78 -11.97 -22.04 -8.35
CA GLU A 78 -12.93 -21.62 -7.34
C GLU A 78 -12.91 -20.10 -7.20
N LYS A 79 -14.08 -19.50 -7.07
CA LYS A 79 -14.17 -18.06 -6.94
C LYS A 79 -13.44 -17.56 -5.69
N ALA A 80 -12.70 -16.47 -5.85
CA ALA A 80 -11.95 -15.91 -4.74
C ALA A 80 -12.31 -14.46 -4.51
N PRO A 81 -13.41 -14.20 -3.79
CA PRO A 81 -13.81 -12.81 -3.55
C PRO A 81 -12.67 -12.07 -2.86
N HIS A 82 -12.60 -10.76 -3.09
CA HIS A 82 -11.58 -9.92 -2.47
C HIS A 82 -12.25 -9.08 -1.39
N ASP A 83 -11.87 -9.28 -0.14
CA ASP A 83 -12.48 -8.50 0.96
C ASP A 83 -12.22 -7.03 0.71
N ILE A 84 -11.04 -6.76 0.14
CA ILE A 84 -10.65 -5.40 -0.19
C ILE A 84 -10.41 -5.43 -1.70
N PRO A 85 -11.05 -4.54 -2.45
CA PRO A 85 -10.87 -4.53 -3.91
C PRO A 85 -9.47 -4.27 -4.46
N MET A 86 -9.20 -4.88 -5.61
CA MET A 86 -7.94 -4.73 -6.32
C MET A 86 -8.22 -3.84 -7.51
N TYR A 87 -7.22 -3.10 -7.95
CA TYR A 87 -7.42 -2.22 -9.09
C TYR A 87 -6.34 -2.39 -10.14
N SER A 88 -6.29 -1.41 -11.03
CA SER A 88 -5.33 -1.34 -12.11
C SER A 88 -4.52 -0.09 -11.76
N LEU A 89 -3.89 0.53 -12.75
CA LEU A 89 -3.11 1.74 -12.52
C LEU A 89 -3.24 2.64 -13.74
N ASN A 90 -3.03 3.93 -13.54
CA ASN A 90 -3.08 4.88 -14.65
C ASN A 90 -1.69 4.88 -15.27
N ASP A 91 -1.63 4.86 -16.59
CA ASP A 91 -0.33 4.82 -17.27
C ASP A 91 0.27 6.12 -17.80
N GLY A 92 1.59 6.14 -17.86
CA GLY A 92 2.31 7.29 -18.36
C GLY A 92 3.25 6.85 -19.46
N PHE A 93 3.41 7.68 -20.48
CA PHE A 93 4.28 7.34 -21.60
C PHE A 93 5.21 8.48 -21.98
N SER A 94 5.40 9.42 -21.06
CA SER A 94 6.28 10.55 -21.33
C SER A 94 6.66 11.26 -20.04
N LYS A 95 7.78 11.95 -20.07
CA LYS A 95 8.22 12.69 -18.89
C LYS A 95 7.10 13.64 -18.51
N GLU A 96 6.37 14.15 -19.48
CA GLU A 96 5.29 15.07 -19.16
C GLU A 96 4.23 14.40 -18.31
N ASP A 97 3.77 13.23 -18.72
CA ASP A 97 2.75 12.52 -17.96
C ASP A 97 3.17 12.41 -16.50
N ILE A 98 4.44 12.13 -16.28
CA ILE A 98 4.97 11.97 -14.94
C ILE A 98 4.93 13.29 -14.20
N PHE A 99 5.20 14.37 -14.91
CA PHE A 99 5.18 15.69 -14.29
C PHE A 99 3.76 16.17 -14.06
N ALA A 100 2.85 15.80 -14.95
CA ALA A 100 1.46 16.20 -14.82
C ALA A 100 0.86 15.47 -13.63
N PHE A 101 1.24 14.21 -13.47
CA PHE A 101 0.74 13.43 -12.34
C PHE A 101 1.18 14.11 -11.06
N ASP A 102 2.44 14.52 -11.02
CA ASP A 102 2.94 15.18 -9.82
C ASP A 102 2.17 16.47 -9.60
N GLU A 103 1.82 17.13 -10.70
CA GLU A 103 1.08 18.39 -10.64
C GLU A 103 -0.29 18.19 -10.03
N ARG A 104 -0.98 17.11 -10.40
CA ARG A 104 -2.29 16.83 -9.84
C ARG A 104 -2.17 16.57 -8.34
N VAL A 105 -1.24 15.70 -7.97
CA VAL A 105 -1.02 15.36 -6.58
C VAL A 105 -0.77 16.62 -5.77
N ARG A 106 0.13 17.48 -6.24
CA ARG A 106 0.43 18.68 -5.49
C ARG A 106 -0.82 19.51 -5.26
N LYS A 107 -1.70 19.55 -6.23
CA LYS A 107 -2.93 20.31 -6.11
C LYS A 107 -3.89 19.71 -5.10
N ALA A 108 -3.84 18.39 -4.93
CA ALA A 108 -4.73 17.70 -4.00
C ALA A 108 -4.15 17.72 -2.60
N ILE A 109 -2.83 17.61 -2.50
CA ILE A 109 -2.21 17.61 -1.18
C ILE A 109 -1.98 19.02 -0.70
N GLY A 110 -1.59 19.91 -1.62
CA GLY A 110 -1.32 21.28 -1.24
C GLY A 110 0.14 21.55 -0.95
N LYS A 111 1.01 20.60 -1.29
CA LYS A 111 2.45 20.74 -1.10
C LYS A 111 3.15 19.62 -1.86
N PRO A 112 4.47 19.68 -1.97
CA PRO A 112 5.15 18.60 -2.70
C PRO A 112 5.20 17.32 -1.87
N VAL A 113 5.22 16.16 -2.52
CA VAL A 113 5.29 14.88 -1.79
C VAL A 113 6.40 13.99 -2.31
N ALA A 114 6.95 13.16 -1.43
CA ALA A 114 8.00 12.23 -1.80
C ALA A 114 7.33 10.98 -2.35
N TYR A 115 7.96 10.36 -3.34
CA TYR A 115 7.41 9.16 -3.96
C TYR A 115 8.28 7.94 -3.71
N CYS A 116 7.63 6.81 -3.50
CA CYS A 116 8.35 5.59 -3.31
C CYS A 116 8.30 4.98 -4.70
N CYS A 117 9.45 4.79 -5.31
CA CYS A 117 9.49 4.23 -6.65
C CYS A 117 9.88 2.77 -6.64
N GLU A 118 9.23 2.01 -7.50
CA GLU A 118 9.48 0.58 -7.60
C GLU A 118 9.48 0.17 -9.06
N LEU A 119 9.98 -1.02 -9.34
CA LEU A 119 9.98 -1.48 -10.72
C LEU A 119 8.70 -2.25 -10.96
N LYS A 120 7.98 -1.89 -12.02
CA LYS A 120 6.76 -2.61 -12.31
C LYS A 120 7.17 -3.99 -12.83
N ILE A 121 7.14 -4.98 -11.93
CA ILE A 121 7.51 -6.36 -12.26
C ILE A 121 6.52 -6.96 -13.25
N ASP A 122 6.96 -7.25 -14.46
CA ASP A 122 6.04 -7.78 -15.46
C ASP A 122 5.65 -9.23 -15.31
N GLY A 123 4.51 -9.48 -14.66
CA GLY A 123 4.05 -10.85 -14.49
C GLY A 123 2.55 -10.93 -14.33
N LEU A 124 2.12 -11.66 -13.30
CA LEU A 124 0.70 -11.83 -12.99
C LEU A 124 0.41 -11.23 -11.62
N ALA A 125 -0.74 -10.58 -11.47
CA ALA A 125 -1.12 -9.97 -10.20
C ALA A 125 -1.67 -11.03 -9.24
N ILE A 126 -1.18 -11.01 -7.99
CA ILE A 126 -1.61 -11.97 -6.97
C ILE A 126 -1.91 -11.33 -5.63
N SER A 127 -2.78 -12.00 -4.87
CA SER A 127 -3.18 -11.55 -3.54
C SER A 127 -3.11 -12.74 -2.57
N LEU A 128 -2.33 -12.59 -1.49
CA LEU A 128 -2.17 -13.65 -0.49
C LEU A 128 -2.86 -13.31 0.83
N ARG A 129 -3.58 -14.29 1.36
CA ARG A 129 -4.29 -14.12 2.62
C ARG A 129 -3.62 -14.96 3.72
N TYR A 130 -3.37 -14.34 4.86
CA TYR A 130 -2.77 -15.04 5.97
C TYR A 130 -3.60 -14.88 7.24
N GLU A 131 -3.83 -16.01 7.92
CA GLU A 131 -4.59 -15.99 9.16
C GLU A 131 -3.71 -16.58 10.25
N ASN A 132 -3.24 -15.70 11.12
CA ASN A 132 -2.38 -16.12 12.20
C ASN A 132 -1.08 -16.72 11.67
N GLY A 133 -0.46 -16.01 10.75
CA GLY A 133 0.80 -16.43 10.16
C GLY A 133 0.70 -17.58 9.19
N VAL A 134 -0.50 -18.07 8.96
CA VAL A 134 -0.68 -19.19 8.05
C VAL A 134 -1.28 -18.83 6.70
N PHE A 135 -0.58 -19.19 5.63
CA PHE A 135 -1.05 -18.94 4.26
C PHE A 135 -2.33 -19.73 4.02
N VAL A 136 -3.46 -19.04 3.93
CA VAL A 136 -4.74 -19.70 3.73
C VAL A 136 -5.33 -19.58 2.34
N ARG A 137 -4.92 -18.55 1.59
CA ARG A 137 -5.45 -18.37 0.25
C ARG A 137 -4.65 -17.44 -0.64
N GLY A 138 -4.55 -17.83 -1.90
CA GLY A 138 -3.83 -17.04 -2.89
C GLY A 138 -4.77 -16.82 -4.05
N ALA A 139 -4.88 -15.57 -4.53
CA ALA A 139 -5.79 -15.29 -5.62
C ALA A 139 -5.23 -14.45 -6.76
N THR A 140 -5.94 -14.52 -7.89
CA THR A 140 -5.59 -13.75 -9.06
C THR A 140 -6.43 -12.48 -8.90
N ARG A 141 -6.08 -11.43 -9.64
CA ARG A 141 -6.83 -10.19 -9.55
C ARG A 141 -8.26 -10.32 -10.06
N GLY A 142 -8.45 -11.10 -11.10
CA GLY A 142 -9.79 -11.28 -11.65
C GLY A 142 -10.34 -9.99 -12.24
N ASP A 143 -11.54 -9.60 -11.81
CA ASP A 143 -12.15 -8.38 -12.30
C ASP A 143 -12.03 -7.30 -11.22
N GLY A 144 -11.14 -7.53 -10.27
CA GLY A 144 -10.93 -6.59 -9.19
C GLY A 144 -11.74 -6.88 -7.93
N THR A 145 -12.83 -7.63 -8.07
CA THR A 145 -13.67 -7.95 -6.91
C THR A 145 -13.77 -9.44 -6.68
N VAL A 146 -13.45 -10.23 -7.71
CA VAL A 146 -13.48 -11.68 -7.60
C VAL A 146 -12.39 -12.27 -8.48
N GLY A 147 -11.49 -13.04 -7.87
CA GLY A 147 -10.42 -13.63 -8.66
C GLY A 147 -10.59 -15.14 -8.74
N GLU A 148 -9.51 -15.83 -9.03
CA GLU A 148 -9.54 -17.26 -9.12
C GLU A 148 -8.70 -17.78 -7.96
N ASN A 149 -9.19 -18.82 -7.29
CA ASN A 149 -8.47 -19.38 -6.17
C ASN A 149 -7.33 -20.21 -6.73
N ILE A 150 -6.11 -19.83 -6.38
CA ILE A 150 -4.93 -20.52 -6.87
C ILE A 150 -3.96 -20.79 -5.72
N THR A 151 -4.52 -21.01 -4.53
CA THR A 151 -3.72 -21.27 -3.35
C THR A 151 -2.76 -22.43 -3.60
N GLU A 152 -3.33 -23.55 -4.04
CA GLU A 152 -2.54 -24.74 -4.32
C GLU A 152 -1.33 -24.37 -5.17
N ASN A 153 -1.61 -23.93 -6.40
CA ASN A 153 -0.57 -23.55 -7.33
C ASN A 153 0.47 -22.66 -6.67
N LEU A 154 0.01 -21.68 -5.89
CA LEU A 154 0.90 -20.77 -5.22
C LEU A 154 1.80 -21.44 -4.19
N ARG A 155 1.37 -22.58 -3.66
CA ARG A 155 2.18 -23.28 -2.67
C ARG A 155 3.34 -24.02 -3.30
N THR A 156 3.39 -24.05 -4.62
CA THR A 156 4.48 -24.70 -5.32
C THR A 156 5.58 -23.70 -5.55
N VAL A 157 5.36 -22.46 -5.14
CA VAL A 157 6.36 -21.42 -5.34
C VAL A 157 7.20 -21.16 -4.09
N ARG A 158 8.50 -21.43 -4.20
CA ARG A 158 9.48 -21.25 -3.12
C ARG A 158 9.38 -19.99 -2.28
N SER A 159 9.37 -18.82 -2.92
CA SER A 159 9.33 -17.54 -2.22
C SER A 159 8.07 -17.29 -1.39
N VAL A 160 6.93 -17.87 -1.79
CA VAL A 160 5.70 -17.68 -1.03
C VAL A 160 5.87 -18.33 0.34
N PRO A 161 5.88 -17.53 1.43
CA PRO A 161 6.05 -18.14 2.76
C PRO A 161 4.77 -18.83 3.25
N MET A 162 4.91 -20.05 3.78
CA MET A 162 3.75 -20.78 4.28
C MET A 162 3.30 -20.23 5.62
N ARG A 163 4.25 -19.77 6.41
CA ARG A 163 3.94 -19.17 7.70
C ARG A 163 4.82 -17.94 7.87
N LEU A 164 4.19 -16.83 8.24
CA LEU A 164 4.92 -15.58 8.42
C LEU A 164 5.84 -15.68 9.65
N THR A 165 6.61 -14.63 9.91
CA THR A 165 7.50 -14.65 11.06
C THR A 165 6.75 -14.33 12.35
N GLU A 166 5.50 -13.86 12.22
CA GLU A 166 4.65 -13.53 13.36
C GLU A 166 3.27 -14.13 13.11
N PRO A 167 2.63 -14.72 14.13
CA PRO A 167 1.30 -15.32 13.97
C PRO A 167 0.22 -14.25 13.82
N ILE A 168 0.42 -13.38 12.85
CA ILE A 168 -0.49 -12.28 12.57
C ILE A 168 -1.31 -12.50 11.32
N SER A 169 -2.49 -11.91 11.26
CA SER A 169 -3.36 -12.04 10.10
C SER A 169 -3.24 -10.81 9.20
N VAL A 170 -2.98 -11.03 7.91
CA VAL A 170 -2.84 -9.91 6.97
C VAL A 170 -3.21 -10.30 5.54
N GLU A 171 -3.40 -9.28 4.70
CA GLU A 171 -3.72 -9.49 3.29
C GLU A 171 -2.82 -8.57 2.45
N VAL A 172 -2.04 -9.17 1.57
CA VAL A 172 -1.14 -8.39 0.74
C VAL A 172 -1.17 -8.78 -0.74
N ARG A 173 -0.71 -7.85 -1.58
CA ARG A 173 -0.68 -8.06 -3.02
C ARG A 173 0.74 -7.90 -3.54
N GLY A 174 0.96 -8.43 -4.74
CA GLY A 174 2.26 -8.36 -5.36
C GLY A 174 2.19 -9.05 -6.69
N GLU A 175 3.34 -9.40 -7.24
CA GLU A 175 3.39 -10.04 -8.55
C GLU A 175 4.07 -11.40 -8.51
N CYS A 176 3.64 -12.29 -9.40
CA CYS A 176 4.24 -13.60 -9.54
C CYS A 176 4.79 -13.63 -10.97
N TYR A 177 6.07 -13.96 -11.12
CA TYR A 177 6.63 -13.98 -12.46
C TYR A 177 7.47 -15.20 -12.76
N MET A 178 8.05 -15.19 -13.96
CA MET A 178 8.92 -16.26 -14.42
C MET A 178 10.18 -15.56 -14.89
N PRO A 179 11.30 -15.77 -14.21
CA PRO A 179 12.54 -15.10 -14.64
C PRO A 179 12.87 -15.40 -16.10
N LYS A 180 13.58 -14.47 -16.73
CA LYS A 180 14.00 -14.62 -18.12
C LYS A 180 14.69 -15.98 -18.26
N GLN A 181 15.64 -16.22 -17.35
CA GLN A 181 16.40 -17.46 -17.32
C GLN A 181 15.50 -18.66 -17.67
N SER A 182 14.38 -18.75 -16.97
CA SER A 182 13.45 -19.86 -17.15
C SER A 182 12.50 -19.71 -18.32
N PHE A 183 12.15 -18.47 -18.66
CA PHE A 183 11.26 -18.24 -19.78
C PHE A 183 11.96 -18.85 -20.98
N VAL A 184 13.21 -18.44 -21.17
CA VAL A 184 14.05 -18.94 -22.25
C VAL A 184 13.95 -20.46 -22.27
N ALA A 185 14.53 -21.08 -21.25
CA ALA A 185 14.51 -22.52 -21.12
C ALA A 185 13.13 -23.08 -21.48
N LEU A 186 12.21 -22.99 -20.55
CA LEU A 186 10.86 -23.49 -20.76
C LEU A 186 10.48 -23.57 -22.24
N ASN A 187 10.58 -22.44 -22.95
CA ASN A 187 10.22 -22.43 -24.37
C ASN A 187 10.99 -23.44 -25.22
N GLU A 188 12.31 -23.43 -25.15
CA GLU A 188 13.09 -24.37 -25.95
C GLU A 188 12.52 -25.78 -25.73
N GLU A 189 12.04 -26.03 -24.52
CA GLU A 189 11.46 -27.33 -24.17
C GLU A 189 10.13 -27.52 -24.89
N ARG A 190 9.20 -26.59 -24.68
CA ARG A 190 7.88 -26.66 -25.30
C ARG A 190 7.96 -26.87 -26.80
N GLU A 191 8.99 -26.31 -27.43
CA GLU A 191 9.16 -26.43 -28.86
C GLU A 191 9.33 -27.90 -29.23
N GLU A 192 10.17 -28.59 -28.47
CA GLU A 192 10.43 -30.00 -28.69
C GLU A 192 9.15 -30.82 -28.48
N ASN A 193 8.27 -30.31 -27.62
CA ASN A 193 7.01 -30.98 -27.35
C ASN A 193 5.96 -30.45 -28.32
N GLY A 194 6.42 -29.66 -29.28
CA GLY A 194 5.54 -29.11 -30.29
C GLY A 194 4.37 -28.34 -29.70
N GLN A 195 4.67 -27.50 -28.71
CA GLN A 195 3.64 -26.72 -28.05
C GLN A 195 3.92 -25.23 -28.25
N ASP A 196 2.84 -24.47 -28.44
CA ASP A 196 2.93 -23.03 -28.65
C ASP A 196 3.81 -22.38 -27.59
N ILE A 197 5.11 -22.27 -27.87
CA ILE A 197 6.02 -21.65 -26.91
C ILE A 197 5.43 -20.31 -26.50
N PHE A 198 5.55 -19.99 -25.22
CA PHE A 198 4.98 -18.75 -24.70
C PHE A 198 5.55 -17.48 -25.32
N ALA A 199 4.64 -16.56 -25.58
CA ALA A 199 4.97 -15.27 -26.19
C ALA A 199 5.95 -14.44 -25.38
N ASN A 200 5.51 -14.02 -24.20
CA ASN A 200 6.34 -13.20 -23.33
C ASN A 200 6.30 -13.72 -21.90
N PRO A 201 7.35 -13.43 -21.11
CA PRO A 201 7.42 -13.88 -19.73
C PRO A 201 6.12 -13.67 -18.95
N ARG A 202 5.34 -12.66 -19.33
CA ARG A 202 4.07 -12.41 -18.65
C ARG A 202 3.06 -13.50 -18.89
N ASN A 203 2.83 -13.86 -20.14
CA ASN A 203 1.85 -14.89 -20.45
C ASN A 203 2.27 -16.29 -20.02
N ALA A 204 3.57 -16.50 -19.87
CA ALA A 204 4.07 -17.81 -19.43
C ALA A 204 3.67 -18.02 -17.98
N ALA A 205 3.89 -16.99 -17.19
CA ALA A 205 3.56 -17.01 -15.77
C ALA A 205 2.07 -17.18 -15.60
N ALA A 206 1.33 -16.37 -16.33
CA ALA A 206 -0.13 -16.42 -16.26
C ALA A 206 -0.62 -17.76 -16.77
N GLY A 207 0.00 -18.25 -17.84
CA GLY A 207 -0.40 -19.52 -18.40
C GLY A 207 -0.19 -20.64 -17.39
N SER A 208 0.90 -20.52 -16.63
CA SER A 208 1.25 -21.51 -15.62
C SER A 208 0.34 -21.47 -14.40
N LEU A 209 0.32 -20.33 -13.71
CA LEU A 209 -0.50 -20.20 -12.51
C LEU A 209 -1.97 -20.53 -12.71
N ARG A 210 -2.51 -20.23 -13.89
CA ARG A 210 -3.92 -20.51 -14.11
C ARG A 210 -4.13 -21.88 -14.73
N GLN A 211 -3.21 -22.78 -14.41
CA GLN A 211 -3.25 -24.16 -14.85
C GLN A 211 -3.93 -24.92 -13.72
N LEU A 212 -4.97 -25.69 -14.05
CA LEU A 212 -5.70 -26.46 -13.05
C LEU A 212 -4.90 -27.61 -12.43
N ASP A 213 -3.94 -28.14 -13.16
CA ASP A 213 -3.13 -29.24 -12.63
C ASP A 213 -1.86 -28.71 -11.99
N THR A 214 -1.85 -28.66 -10.65
CA THR A 214 -0.67 -28.16 -9.95
C THR A 214 0.54 -29.01 -10.27
N LYS A 215 0.29 -30.28 -10.60
CA LYS A 215 1.36 -31.21 -10.95
C LYS A 215 2.31 -30.53 -11.93
N ILE A 216 1.75 -29.86 -12.92
CA ILE A 216 2.55 -29.17 -13.93
C ILE A 216 3.14 -27.92 -13.33
N VAL A 217 2.27 -27.04 -12.85
CA VAL A 217 2.66 -25.78 -12.22
C VAL A 217 3.91 -25.89 -11.37
N ALA A 218 3.99 -26.94 -10.57
CA ALA A 218 5.13 -27.15 -9.68
C ALA A 218 6.47 -27.12 -10.38
N LYS A 219 6.54 -27.72 -11.57
CA LYS A 219 7.78 -27.78 -12.30
C LYS A 219 8.13 -26.55 -13.15
N ARG A 220 7.20 -25.60 -13.24
CA ARG A 220 7.44 -24.41 -14.07
C ARG A 220 8.47 -23.37 -13.58
N ASN A 221 8.62 -23.23 -12.27
CA ASN A 221 9.59 -22.27 -11.70
C ASN A 221 9.24 -20.77 -11.80
N LEU A 222 8.52 -20.30 -10.79
CA LEU A 222 8.09 -18.93 -10.70
C LEU A 222 8.64 -18.31 -9.42
N ASN A 223 8.64 -16.99 -9.34
CA ASN A 223 9.13 -16.31 -8.15
C ASN A 223 8.13 -15.21 -7.85
N THR A 224 8.39 -14.42 -6.81
CA THR A 224 7.47 -13.36 -6.42
C THR A 224 8.11 -12.11 -5.86
N PHE A 225 7.28 -11.09 -5.71
CA PHE A 225 7.65 -9.80 -5.15
C PHE A 225 6.33 -9.24 -4.61
N LEU A 226 6.33 -8.86 -3.34
CA LEU A 226 5.13 -8.30 -2.72
C LEU A 226 5.40 -6.82 -2.53
N TYR A 227 4.40 -5.99 -2.80
CA TYR A 227 4.59 -4.54 -2.66
C TYR A 227 3.40 -3.77 -2.13
N THR A 228 2.32 -4.46 -1.79
CA THR A 228 1.16 -3.78 -1.26
C THR A 228 0.55 -4.47 -0.04
N VAL A 229 0.20 -3.67 0.95
CA VAL A 229 -0.42 -4.20 2.15
C VAL A 229 -1.88 -3.78 2.06
N ALA A 230 -2.76 -4.77 1.87
CA ALA A 230 -4.21 -4.54 1.77
C ALA A 230 -4.79 -4.54 3.16
N ASP A 231 -4.53 -5.60 3.92
CA ASP A 231 -5.03 -5.65 5.28
C ASP A 231 -3.82 -5.71 6.20
N PHE A 232 -3.56 -4.59 6.88
CA PHE A 232 -2.41 -4.45 7.77
C PHE A 232 -2.36 -5.34 9.00
N GLY A 233 -3.54 -5.69 9.52
CA GLY A 233 -3.54 -6.49 10.74
C GLY A 233 -2.78 -5.62 11.73
N PRO A 234 -1.76 -6.17 12.40
CA PRO A 234 -0.98 -5.40 13.37
C PRO A 234 0.22 -4.65 12.78
N MET A 235 0.37 -4.65 11.46
CA MET A 235 1.50 -3.94 10.87
C MET A 235 1.46 -2.44 11.16
N LYS A 236 2.62 -1.87 11.44
CA LYS A 236 2.70 -0.47 11.82
C LYS A 236 3.23 0.54 10.81
N ALA A 237 3.56 0.11 9.60
CA ALA A 237 4.09 1.05 8.60
C ALA A 237 3.10 2.15 8.24
N LYS A 238 3.62 3.37 8.15
CA LYS A 238 2.83 4.55 7.79
C LYS A 238 3.14 5.02 6.37
N THR A 239 4.20 4.51 5.77
CA THR A 239 4.58 4.88 4.42
C THR A 239 4.81 3.62 3.59
N GLN A 240 4.68 3.77 2.28
CA GLN A 240 4.89 2.67 1.35
C GLN A 240 6.33 2.20 1.43
N PHE A 241 7.26 3.10 1.71
CA PHE A 241 8.65 2.71 1.80
C PHE A 241 8.87 1.81 3.01
N GLU A 242 8.18 2.11 4.10
CA GLU A 242 8.30 1.29 5.31
C GLU A 242 7.60 -0.04 5.12
N ALA A 243 6.40 -0.01 4.55
CA ALA A 243 5.65 -1.23 4.31
C ALA A 243 6.48 -2.25 3.54
N LEU A 244 7.34 -1.78 2.63
CA LEU A 244 8.16 -2.68 1.85
C LEU A 244 9.15 -3.39 2.78
N GLU A 245 9.68 -2.64 3.74
CA GLU A 245 10.61 -3.21 4.72
C GLU A 245 9.86 -4.21 5.62
N GLU A 246 8.67 -3.80 6.05
CA GLU A 246 7.87 -4.62 6.92
C GLU A 246 7.45 -5.91 6.23
N LEU A 247 7.05 -5.83 4.97
CA LEU A 247 6.62 -7.02 4.21
C LEU A 247 7.75 -8.02 4.16
N SER A 248 8.96 -7.49 3.97
CA SER A 248 10.15 -8.32 3.91
C SER A 248 10.37 -8.93 5.28
N ALA A 249 10.42 -8.07 6.28
CA ALA A 249 10.63 -8.45 7.66
C ALA A 249 9.73 -9.58 8.17
N ILE A 250 8.46 -9.61 7.74
CA ILE A 250 7.57 -10.67 8.17
C ILE A 250 7.72 -11.92 7.33
N GLY A 251 8.60 -11.86 6.34
CA GLY A 251 8.84 -13.02 5.51
C GLY A 251 8.55 -13.00 4.02
N PHE A 252 8.05 -11.89 3.49
CA PHE A 252 7.79 -11.87 2.06
C PHE A 252 9.01 -11.39 1.29
N ARG A 253 9.11 -11.87 0.06
CA ARG A 253 10.23 -11.48 -0.80
C ARG A 253 9.82 -10.13 -1.39
N THR A 254 10.71 -9.15 -1.33
CA THR A 254 10.40 -7.85 -1.87
C THR A 254 11.55 -7.36 -2.75
N ASN A 255 11.21 -6.60 -3.78
CA ASN A 255 12.19 -6.07 -4.72
C ASN A 255 13.04 -4.95 -4.10
N PRO A 256 14.37 -5.10 -4.17
CA PRO A 256 15.38 -4.17 -3.64
C PRO A 256 15.69 -2.92 -4.46
N GLU A 257 15.21 -2.85 -5.70
CA GLU A 257 15.52 -1.67 -6.53
C GLU A 257 14.75 -0.42 -6.12
N ARG A 258 13.79 -0.57 -5.22
CA ARG A 258 12.97 0.54 -4.76
C ARG A 258 13.80 1.73 -4.33
N GLN A 259 13.25 2.92 -4.50
CA GLN A 259 13.95 4.13 -4.11
C GLN A 259 12.92 5.19 -3.73
N LEU A 260 13.19 5.90 -2.64
CA LEU A 260 12.30 6.95 -2.16
C LEU A 260 12.76 8.28 -2.72
N CYS A 261 11.96 8.90 -3.57
CA CYS A 261 12.37 10.17 -4.17
C CYS A 261 11.75 11.41 -3.56
N GLN A 262 12.60 12.38 -3.25
CA GLN A 262 12.19 13.63 -2.64
C GLN A 262 11.78 14.70 -3.64
N SER A 263 12.05 14.49 -4.92
CA SER A 263 11.68 15.46 -5.94
C SER A 263 11.21 14.73 -7.19
N ILE A 264 10.40 15.40 -8.00
CA ILE A 264 9.88 14.81 -9.22
C ILE A 264 11.04 14.63 -10.21
N ASP A 265 12.07 15.48 -10.09
CA ASP A 265 13.24 15.30 -10.96
C ASP A 265 13.87 13.95 -10.61
N GLU A 266 13.97 13.65 -9.31
CA GLU A 266 14.54 12.38 -8.88
C GLU A 266 13.70 11.21 -9.42
N VAL A 267 12.38 11.35 -9.42
CA VAL A 267 11.53 10.28 -9.93
C VAL A 267 11.95 9.96 -11.37
N TRP A 268 12.01 11.00 -12.20
CA TRP A 268 12.36 10.83 -13.59
C TRP A 268 13.72 10.18 -13.76
N ALA A 269 14.68 10.59 -12.95
CA ALA A 269 16.01 10.02 -13.05
C ALA A 269 15.93 8.54 -12.71
N TYR A 270 15.13 8.23 -11.70
CA TYR A 270 14.96 6.84 -11.30
C TYR A 270 14.42 6.06 -12.49
N ILE A 271 13.46 6.66 -13.20
CA ILE A 271 12.85 6.03 -14.37
C ILE A 271 13.90 5.82 -15.46
N GLU A 272 14.69 6.86 -15.70
CA GLU A 272 15.76 6.81 -16.71
C GLU A 272 16.73 5.71 -16.36
N GLU A 273 17.17 5.71 -15.10
CA GLU A 273 18.11 4.74 -14.58
C GLU A 273 17.70 3.31 -14.92
N TYR A 274 16.68 2.80 -14.27
CA TYR A 274 16.23 1.43 -14.51
C TYR A 274 15.80 1.10 -15.92
N HIS A 275 15.66 2.12 -16.77
CA HIS A 275 15.30 1.84 -18.15
C HIS A 275 16.56 1.34 -18.84
N GLU A 276 17.71 1.72 -18.30
CA GLU A 276 18.99 1.30 -18.84
C GLU A 276 19.42 -0.03 -18.20
N LYS A 277 19.49 -0.06 -16.88
CA LYS A 277 19.86 -1.28 -16.16
C LYS A 277 18.96 -2.46 -16.56
N ARG A 278 17.76 -2.12 -17.01
CA ARG A 278 16.76 -3.08 -17.42
C ARG A 278 17.28 -4.49 -17.84
N SER A 279 18.14 -4.50 -18.85
CA SER A 279 18.68 -5.76 -19.36
C SER A 279 19.44 -6.57 -18.35
N THR A 280 20.11 -5.88 -17.43
CA THR A 280 20.91 -6.53 -16.40
C THR A 280 20.07 -7.27 -15.35
N LEU A 281 18.77 -7.02 -15.31
CA LEU A 281 17.89 -7.69 -14.35
C LEU A 281 17.47 -9.06 -14.88
N PRO A 282 17.30 -10.04 -13.98
CA PRO A 282 16.91 -11.39 -14.35
C PRO A 282 15.41 -11.56 -14.59
N TYR A 283 14.66 -10.49 -14.37
CA TYR A 283 13.21 -10.52 -14.55
C TYR A 283 12.75 -9.37 -15.43
N GLU A 284 11.72 -9.60 -16.22
CA GLU A 284 11.19 -8.56 -17.09
C GLU A 284 10.40 -7.55 -16.29
N ILE A 285 10.57 -6.28 -16.64
CA ILE A 285 9.82 -5.21 -15.98
C ILE A 285 9.16 -4.47 -17.13
N ASP A 286 7.90 -4.07 -16.97
CA ASP A 286 7.25 -3.34 -18.05
C ASP A 286 7.10 -1.86 -17.75
N GLY A 287 7.97 -1.34 -16.90
CA GLY A 287 7.92 0.07 -16.56
C GLY A 287 8.29 0.37 -15.12
N ILE A 288 7.76 1.47 -14.62
CA ILE A 288 8.03 1.92 -13.26
C ILE A 288 6.73 2.31 -12.58
N VAL A 289 6.61 2.02 -11.28
CA VAL A 289 5.41 2.40 -10.56
C VAL A 289 5.80 3.49 -9.58
N ILE A 290 5.26 4.68 -9.79
CA ILE A 290 5.56 5.81 -8.92
C ILE A 290 4.42 5.97 -7.92
N LYS A 291 4.74 5.79 -6.64
CA LYS A 291 3.75 5.85 -5.59
C LYS A 291 3.94 6.98 -4.59
N VAL A 292 2.82 7.54 -4.12
CA VAL A 292 2.85 8.58 -3.10
C VAL A 292 3.24 7.81 -1.85
N ASN A 293 4.40 8.13 -1.29
CA ASN A 293 4.91 7.41 -0.14
C ASN A 293 4.07 7.43 1.14
N GLU A 294 3.54 8.59 1.53
CA GLU A 294 2.75 8.67 2.76
C GLU A 294 1.32 8.13 2.60
N PHE A 295 0.98 7.13 3.41
CA PHE A 295 -0.36 6.53 3.36
C PHE A 295 -1.50 7.49 3.71
N ALA A 296 -1.31 8.37 4.70
CA ALA A 296 -2.38 9.29 5.06
C ALA A 296 -2.73 10.08 3.80
N LEU A 297 -1.71 10.35 2.99
CA LEU A 297 -1.88 11.10 1.75
C LEU A 297 -2.51 10.26 0.65
N GLN A 298 -2.20 8.96 0.63
CA GLN A 298 -2.79 8.08 -0.37
C GLN A 298 -4.29 8.09 -0.10
N ASP A 299 -4.64 8.02 1.18
CA ASP A 299 -6.05 8.04 1.58
C ASP A 299 -6.73 9.32 1.09
N GLU A 300 -6.00 10.43 1.17
CA GLU A 300 -6.55 11.71 0.76
C GLU A 300 -6.82 11.74 -0.73
N LEU A 301 -5.90 11.20 -1.53
CA LEU A 301 -6.04 11.16 -2.97
C LEU A 301 -7.10 10.19 -3.47
N GLY A 302 -7.21 9.06 -2.78
CA GLY A 302 -8.20 8.05 -3.14
C GLY A 302 -8.01 7.36 -4.47
N PHE A 303 -9.09 6.72 -4.93
CA PHE A 303 -9.12 5.98 -6.19
C PHE A 303 -10.26 6.43 -7.07
N THR A 304 -10.24 5.98 -8.32
CA THR A 304 -11.30 6.26 -9.27
C THR A 304 -11.91 4.87 -9.44
N VAL A 305 -12.90 4.73 -10.31
CA VAL A 305 -13.48 3.41 -10.47
C VAL A 305 -12.45 2.37 -10.82
N LYS A 306 -11.39 2.79 -11.51
CA LYS A 306 -10.40 1.85 -11.99
C LYS A 306 -9.00 1.91 -11.39
N ALA A 307 -8.61 3.05 -10.82
CA ALA A 307 -7.25 3.14 -10.29
C ALA A 307 -7.00 4.21 -9.24
N PRO A 308 -5.96 4.01 -8.42
CA PRO A 308 -5.58 4.95 -7.37
C PRO A 308 -5.17 6.29 -7.97
N ARG A 309 -5.33 7.36 -7.19
CA ARG A 309 -4.94 8.68 -7.66
C ARG A 309 -3.54 8.97 -7.16
N TRP A 310 -3.05 8.14 -6.25
CA TRP A 310 -1.74 8.34 -5.65
C TRP A 310 -0.60 7.53 -6.31
N ALA A 311 -0.83 7.12 -7.56
CA ALA A 311 0.17 6.35 -8.29
C ALA A 311 0.01 6.47 -9.80
N ILE A 312 1.09 6.19 -10.50
CA ILE A 312 1.07 6.20 -11.94
C ILE A 312 2.19 5.28 -12.40
N ALA A 313 1.89 4.54 -13.47
CA ALA A 313 2.84 3.60 -14.02
C ALA A 313 3.42 4.08 -15.33
N TYR A 314 4.73 4.32 -15.34
CA TYR A 314 5.40 4.74 -16.56
C TYR A 314 5.61 3.43 -17.29
N LYS A 315 5.09 3.33 -18.51
CA LYS A 315 5.21 2.11 -19.28
C LYS A 315 6.44 2.00 -20.18
N PHE A 316 6.99 0.79 -20.25
CA PHE A 316 8.16 0.48 -21.05
C PHE A 316 7.81 -0.47 -22.17
N PRO A 317 8.24 -0.18 -23.40
CA PRO A 317 7.87 -1.18 -24.40
C PRO A 317 8.73 -2.38 -24.00
N PRO A 318 8.33 -3.61 -24.36
CA PRO A 318 9.19 -4.74 -23.95
C PRO A 318 10.59 -4.60 -24.53
N GLU A 319 11.63 -4.88 -23.73
CA GLU A 319 13.00 -4.75 -24.19
C GLU A 319 13.14 -5.39 -25.55
N GLU A 320 12.39 -6.46 -25.74
CA GLU A 320 12.32 -7.20 -27.00
C GLU A 320 12.22 -6.18 -28.12
N ALA A 321 11.35 -5.19 -27.93
CA ALA A 321 11.12 -4.15 -28.93
C ALA A 321 12.15 -3.03 -28.92
N GLU A 322 13.10 -3.12 -28.00
CA GLU A 322 14.15 -2.11 -27.91
C GLU A 322 15.47 -2.77 -28.27
N THR A 323 15.39 -4.07 -28.52
CA THR A 323 16.54 -4.88 -28.87
C THR A 323 16.18 -5.73 -30.09
N VAL A 324 16.95 -5.61 -31.17
CA VAL A 324 16.68 -6.39 -32.37
C VAL A 324 17.97 -6.94 -32.97
N GLN B 4 17.42 42.44 40.47
CA GLN B 4 17.98 41.21 39.86
C GLN B 4 18.55 40.28 40.93
N PRO B 5 18.14 39.01 40.90
CA PRO B 5 18.62 38.02 41.89
C PRO B 5 20.14 37.94 41.88
N LEU B 6 20.70 38.02 40.69
CA LEU B 6 22.13 37.96 40.47
C LEU B 6 22.77 39.33 40.66
N THR B 7 23.90 39.38 41.34
CA THR B 7 24.61 40.64 41.53
C THR B 7 25.60 40.80 40.37
N LEU B 8 25.95 42.04 40.05
CA LEU B 8 26.88 42.33 38.97
C LEU B 8 28.13 41.45 39.06
N THR B 9 28.60 41.23 40.28
CA THR B 9 29.78 40.42 40.48
C THR B 9 29.51 38.94 40.20
N ALA B 10 28.37 38.45 40.67
CA ALA B 10 28.04 37.04 40.49
C ALA B 10 27.75 36.74 39.03
N ALA B 11 27.19 37.73 38.32
CA ALA B 11 26.88 37.57 36.90
C ALA B 11 28.14 37.62 36.04
N THR B 12 29.03 38.55 36.36
CA THR B 12 30.27 38.70 35.62
C THR B 12 31.06 37.39 35.73
N THR B 13 31.15 36.91 36.95
CA THR B 13 31.84 35.67 37.26
C THR B 13 31.27 34.48 36.49
N ARG B 14 29.95 34.41 36.46
CA ARG B 14 29.29 33.31 35.79
C ARG B 14 29.52 33.38 34.29
N ALA B 15 29.38 34.59 33.73
CA ALA B 15 29.59 34.80 32.31
C ALA B 15 30.99 34.32 31.97
N GLN B 16 31.95 34.69 32.82
CA GLN B 16 33.33 34.30 32.62
C GLN B 16 33.42 32.77 32.55
N GLU B 17 32.69 32.09 33.41
CA GLU B 17 32.72 30.64 33.41
C GLU B 17 32.06 30.11 32.13
N LEU B 18 30.86 30.63 31.84
CA LEU B 18 30.12 30.19 30.66
C LEU B 18 30.86 30.31 29.34
N ARG B 19 31.44 31.48 29.07
CA ARG B 19 32.16 31.66 27.81
C ARG B 19 33.29 30.64 27.67
N LYS B 20 34.19 30.60 28.64
CA LYS B 20 35.28 29.64 28.57
C LYS B 20 34.71 28.25 28.30
N GLN B 21 33.84 27.81 29.19
CA GLN B 21 33.21 26.50 29.09
C GLN B 21 32.55 26.25 27.74
N LEU B 22 31.74 27.21 27.27
CA LEU B 22 31.05 27.11 25.98
C LEU B 22 31.99 27.11 24.78
N ASN B 23 32.91 28.08 24.74
CA ASN B 23 33.86 28.18 23.64
C ASN B 23 34.61 26.86 23.44
N GLN B 24 35.03 26.25 24.55
CA GLN B 24 35.74 24.98 24.47
C GLN B 24 34.83 23.97 23.76
N TYR B 25 33.61 23.82 24.26
CA TYR B 25 32.67 22.89 23.65
C TYR B 25 32.56 23.13 22.17
N SER B 26 32.40 24.40 21.79
CA SER B 26 32.29 24.76 20.37
C SER B 26 33.48 24.27 19.57
N HIS B 27 34.67 24.37 20.17
CA HIS B 27 35.88 23.93 19.52
C HIS B 27 35.81 22.45 19.19
N GLU B 28 35.43 21.65 20.19
CA GLU B 28 35.32 20.21 20.05
C GLU B 28 34.26 19.82 19.02
N TYR B 29 33.28 20.68 18.85
CA TYR B 29 32.18 20.39 17.95
C TYR B 29 32.41 20.79 16.50
N TYR B 30 32.82 22.03 16.28
CA TYR B 30 33.05 22.52 14.93
C TYR B 30 34.42 22.12 14.40
N VAL B 31 35.45 22.41 15.18
CA VAL B 31 36.82 22.12 14.81
C VAL B 31 37.15 20.63 14.74
N LYS B 32 36.62 19.85 15.68
CA LYS B 32 36.92 18.42 15.71
C LYS B 32 35.74 17.46 15.51
N ASP B 33 34.54 18.00 15.29
CA ASP B 33 33.34 17.18 15.10
C ASP B 33 33.37 16.04 16.11
N GLN B 34 33.94 16.33 17.28
CA GLN B 34 34.08 15.36 18.36
C GLN B 34 33.66 16.02 19.67
N PRO B 35 32.35 16.24 19.86
CA PRO B 35 31.79 16.87 21.06
C PRO B 35 31.95 16.05 22.34
N SER B 36 32.18 16.74 23.46
CA SER B 36 32.34 16.06 24.74
C SER B 36 31.04 16.09 25.53
N VAL B 37 30.15 17.01 25.20
CA VAL B 37 28.88 17.09 25.90
C VAL B 37 27.72 16.89 24.95
N GLU B 38 26.56 16.57 25.52
CA GLU B 38 25.33 16.39 24.74
C GLU B 38 24.91 17.76 24.23
N ASP B 39 24.32 17.80 23.05
CA ASP B 39 23.88 19.06 22.48
C ASP B 39 22.99 19.82 23.46
N TYR B 40 22.08 19.10 24.12
CA TYR B 40 21.19 19.77 25.05
C TYR B 40 21.99 20.39 26.21
N VAL B 41 23.04 19.71 26.66
CA VAL B 41 23.87 20.24 27.72
C VAL B 41 24.46 21.58 27.26
N TYR B 42 24.88 21.64 26.00
CA TYR B 42 25.44 22.87 25.46
C TYR B 42 24.37 23.95 25.39
N ASP B 43 23.17 23.57 24.98
CA ASP B 43 22.09 24.55 24.88
C ASP B 43 21.69 25.14 26.22
N ARG B 44 21.80 24.35 27.28
CA ARG B 44 21.42 24.82 28.62
C ARG B 44 22.33 25.96 29.06
N LEU B 45 23.64 25.74 29.00
CA LEU B 45 24.59 26.76 29.40
C LEU B 45 24.46 28.01 28.50
N TYR B 46 24.31 27.78 27.20
CA TYR B 46 24.18 28.87 26.23
C TYR B 46 23.00 29.74 26.63
N LYS B 47 21.87 29.11 26.90
CA LYS B 47 20.67 29.83 27.31
C LYS B 47 20.99 30.65 28.56
N GLU B 48 21.70 30.05 29.51
CA GLU B 48 22.05 30.77 30.72
C GLU B 48 22.90 32.00 30.39
N LEU B 49 23.85 31.84 29.48
CA LEU B 49 24.70 32.97 29.09
C LEU B 49 23.91 34.10 28.41
N VAL B 50 22.98 33.72 27.54
CA VAL B 50 22.18 34.74 26.86
C VAL B 50 21.39 35.53 27.90
N ASP B 51 20.80 34.84 28.86
CA ASP B 51 20.04 35.51 29.92
C ASP B 51 20.88 36.51 30.72
N ILE B 52 22.11 36.15 31.05
CA ILE B 52 22.95 37.07 31.81
C ILE B 52 23.24 38.31 30.97
N GLU B 53 23.68 38.09 29.74
CA GLU B 53 23.99 39.19 28.84
C GLU B 53 22.80 40.10 28.63
N THR B 54 21.61 39.53 28.77
CA THR B 54 20.39 40.29 28.60
C THR B 54 20.13 41.15 29.83
N GLU B 55 20.47 40.63 31.01
CA GLU B 55 20.28 41.37 32.24
C GLU B 55 21.43 42.36 32.43
N PHE B 56 22.61 41.99 31.95
CA PHE B 56 23.77 42.84 32.09
C PHE B 56 24.46 43.03 30.73
N PRO B 57 23.81 43.73 29.80
CA PRO B 57 24.38 43.98 28.47
C PRO B 57 25.87 44.33 28.48
N ASP B 58 26.33 44.95 29.56
CA ASP B 58 27.74 45.33 29.70
C ASP B 58 28.71 44.17 29.69
N LEU B 59 28.22 42.95 29.90
CA LEU B 59 29.07 41.77 29.94
C LEU B 59 29.28 41.12 28.56
N ILE B 60 28.50 41.58 27.58
CA ILE B 60 28.62 41.07 26.23
C ILE B 60 29.99 41.46 25.69
N THR B 61 30.78 40.49 25.24
CA THR B 61 32.10 40.77 24.69
C THR B 61 32.25 40.06 23.34
N PRO B 62 33.04 40.64 22.42
CA PRO B 62 33.28 40.09 21.08
C PRO B 62 33.61 38.60 21.02
N ASP B 63 34.25 38.06 22.05
CA ASP B 63 34.61 36.64 22.01
C ASP B 63 33.54 35.75 22.65
N SER B 64 32.38 36.33 22.95
CA SER B 64 31.29 35.57 23.55
C SER B 64 30.56 34.75 22.49
N PRO B 65 30.33 33.47 22.79
CA PRO B 65 29.63 32.61 21.83
C PRO B 65 28.33 33.18 21.27
N THR B 66 27.76 34.17 21.95
CA THR B 66 26.53 34.78 21.48
C THR B 66 26.88 35.90 20.50
N GLN B 67 28.13 35.90 20.04
CA GLN B 67 28.59 36.92 19.11
C GLN B 67 29.27 36.31 17.91
N ARG B 68 29.50 34.99 17.97
CA ARG B 68 30.14 34.28 16.88
C ARG B 68 29.11 33.36 16.24
N VAL B 69 29.55 32.63 15.22
CA VAL B 69 28.73 31.65 14.54
C VAL B 69 29.71 30.54 14.14
N GLY B 70 29.33 29.29 14.37
CA GLY B 70 30.18 28.17 14.03
C GLY B 70 31.60 28.18 14.58
N GLY B 71 32.48 27.42 13.95
CA GLY B 71 33.86 27.33 14.39
C GLY B 71 34.83 27.97 13.41
N LYS B 72 36.10 27.55 13.44
CA LYS B 72 37.10 28.12 12.55
C LYS B 72 37.79 27.11 11.63
N VAL B 73 38.37 27.61 10.54
CA VAL B 73 39.04 26.79 9.53
C VAL B 73 39.87 25.63 10.09
N LEU B 74 39.90 24.53 9.35
CA LEU B 74 40.65 23.33 9.74
C LEU B 74 41.97 23.21 8.98
N SER B 75 42.34 24.28 8.28
CA SER B 75 43.59 24.35 7.52
C SER B 75 43.76 23.29 6.43
N GLY B 76 43.65 22.01 6.79
CA GLY B 76 43.80 20.95 5.82
C GLY B 76 43.12 21.28 4.51
N PHE B 77 42.11 22.13 4.57
CA PHE B 77 41.37 22.54 3.39
C PHE B 77 41.71 24.00 3.11
N GLU B 78 41.42 24.44 1.89
CA GLU B 78 41.70 25.81 1.50
C GLU B 78 40.66 26.74 2.11
N LYS B 79 41.07 27.96 2.46
CA LYS B 79 40.14 28.93 3.01
C LYS B 79 39.12 29.25 1.92
N ALA B 80 37.89 29.53 2.33
CA ALA B 80 36.82 29.83 1.41
C ALA B 80 35.98 30.98 1.95
N PRO B 81 36.42 32.23 1.70
CA PRO B 81 35.69 33.40 2.19
C PRO B 81 34.24 33.38 1.73
N HIS B 82 33.37 33.97 2.54
CA HIS B 82 31.97 34.04 2.18
C HIS B 82 31.70 35.51 1.88
N ASP B 83 31.58 35.82 0.60
CA ASP B 83 31.33 37.19 0.16
C ASP B 83 30.09 37.66 0.91
N ILE B 84 29.05 36.85 0.81
CA ILE B 84 27.81 37.11 1.52
C ILE B 84 28.03 36.29 2.78
N PRO B 85 27.80 36.90 3.95
CA PRO B 85 28.00 36.18 5.22
C PRO B 85 27.00 35.06 5.47
N MET B 86 27.45 34.08 6.23
CA MET B 86 26.62 32.96 6.62
C MET B 86 26.35 33.12 8.12
N TYR B 87 25.09 33.02 8.52
CA TYR B 87 24.72 33.19 9.92
C TYR B 87 24.24 31.92 10.61
N SER B 88 23.79 32.11 11.85
CA SER B 88 23.24 31.05 12.67
C SER B 88 21.74 31.36 12.77
N LEU B 89 21.03 30.70 13.68
CA LEU B 89 19.61 30.96 13.82
C LEU B 89 19.23 31.11 15.27
N ASN B 90 18.29 32.01 15.53
CA ASN B 90 17.78 32.23 16.87
C ASN B 90 16.90 31.01 17.12
N ASP B 91 16.97 30.46 18.32
CA ASP B 91 16.22 29.26 18.64
C ASP B 91 15.03 29.42 19.57
N GLY B 92 14.02 28.57 19.34
CA GLY B 92 12.82 28.55 20.14
C GLY B 92 12.60 27.15 20.69
N PHE B 93 12.13 27.06 21.93
CA PHE B 93 11.92 25.77 22.57
C PHE B 93 10.51 25.47 23.04
N SER B 94 9.67 26.49 23.09
CA SER B 94 8.30 26.32 23.55
C SER B 94 7.32 27.01 22.64
N LYS B 95 6.06 26.66 22.81
CA LYS B 95 4.99 27.26 22.03
C LYS B 95 5.05 28.77 22.22
N GLU B 96 5.31 29.20 23.44
CA GLU B 96 5.39 30.63 23.72
C GLU B 96 6.48 31.28 22.88
N ASP B 97 7.60 30.59 22.71
CA ASP B 97 8.72 31.13 21.92
C ASP B 97 8.30 31.50 20.51
N ILE B 98 7.57 30.61 19.86
CA ILE B 98 7.10 30.87 18.50
C ILE B 98 6.13 32.02 18.48
N PHE B 99 5.16 31.99 19.39
CA PHE B 99 4.14 33.03 19.45
C PHE B 99 4.75 34.41 19.65
N ALA B 100 5.69 34.50 20.58
CA ALA B 100 6.35 35.76 20.85
C ALA B 100 6.99 36.26 19.57
N PHE B 101 7.64 35.33 18.85
CA PHE B 101 8.29 35.62 17.59
C PHE B 101 7.33 36.26 16.58
N ASP B 102 6.17 35.63 16.35
CA ASP B 102 5.21 36.20 15.41
C ASP B 102 4.78 37.60 15.82
N GLU B 103 4.82 37.86 17.11
CA GLU B 103 4.45 39.17 17.61
C GLU B 103 5.50 40.19 17.21
N ARG B 104 6.73 40.00 17.70
CA ARG B 104 7.81 40.92 17.36
C ARG B 104 7.85 41.14 15.85
N VAL B 105 7.69 40.06 15.09
CA VAL B 105 7.70 40.18 13.63
C VAL B 105 6.59 41.11 13.17
N ARG B 106 5.38 40.86 13.65
CA ARG B 106 4.25 41.69 13.27
C ARG B 106 4.36 43.11 13.79
N LYS B 107 5.02 43.28 14.91
CA LYS B 107 5.14 44.62 15.45
C LYS B 107 6.05 45.41 14.54
N ALA B 108 7.13 44.77 14.10
CA ALA B 108 8.09 45.40 13.21
C ALA B 108 7.50 45.73 11.85
N ILE B 109 6.95 44.72 11.18
CA ILE B 109 6.37 44.94 9.86
C ILE B 109 5.02 45.64 9.96
N GLY B 110 4.60 45.92 11.17
CA GLY B 110 3.33 46.59 11.37
C GLY B 110 2.15 45.92 10.68
N LYS B 111 2.24 44.61 10.47
CA LYS B 111 1.13 43.91 9.83
C LYS B 111 1.34 42.40 9.82
N PRO B 112 0.27 41.65 9.57
CA PRO B 112 0.30 40.18 9.51
C PRO B 112 1.21 39.72 8.37
N VAL B 113 2.18 38.88 8.66
CA VAL B 113 3.06 38.40 7.61
C VAL B 113 2.99 36.89 7.46
N ALA B 114 3.24 36.42 6.25
CA ALA B 114 3.20 35.00 5.97
C ALA B 114 4.54 34.37 6.25
N TYR B 115 4.52 33.10 6.64
CA TYR B 115 5.73 32.36 6.96
C TYR B 115 5.89 31.11 6.12
N CYS B 116 7.11 30.91 5.64
CA CYS B 116 7.46 29.73 4.87
C CYS B 116 8.05 28.81 5.93
N CYS B 117 7.47 27.62 6.09
CA CYS B 117 7.94 26.66 7.08
C CYS B 117 8.62 25.48 6.42
N GLU B 118 9.82 25.16 6.91
CA GLU B 118 10.62 24.06 6.38
C GLU B 118 11.22 23.26 7.52
N LEU B 119 11.55 22.00 7.24
CA LEU B 119 12.16 21.15 8.22
C LEU B 119 13.61 21.60 8.37
N LYS B 120 14.13 21.50 9.59
CA LYS B 120 15.50 21.86 9.85
C LYS B 120 16.26 20.56 9.76
N ILE B 121 16.75 20.28 8.56
CA ILE B 121 17.49 19.07 8.27
C ILE B 121 18.74 19.02 9.13
N ASP B 122 18.88 17.97 9.92
CA ASP B 122 20.05 17.86 10.79
C ASP B 122 21.29 17.37 10.07
N GLY B 123 22.13 18.30 9.66
CA GLY B 123 23.36 17.96 8.98
C GLY B 123 24.45 19.02 9.11
N LEU B 124 25.17 19.25 8.02
CA LEU B 124 26.24 20.23 8.01
C LEU B 124 25.93 21.32 6.98
N ALA B 125 26.18 22.58 7.34
CA ALA B 125 25.91 23.67 6.39
C ALA B 125 26.89 23.69 5.23
N ILE B 126 26.39 24.00 4.04
CA ILE B 126 27.23 24.07 2.86
C ILE B 126 26.75 25.19 1.97
N SER B 127 27.67 25.75 1.19
CA SER B 127 27.38 26.83 0.26
C SER B 127 27.92 26.42 -1.11
N LEU B 128 27.07 26.51 -2.14
CA LEU B 128 27.47 26.12 -3.50
C LEU B 128 27.53 27.29 -4.47
N ARG B 129 28.72 27.55 -5.01
CA ARG B 129 28.91 28.64 -5.96
C ARG B 129 28.88 28.14 -7.40
N TYR B 130 28.21 28.90 -8.26
CA TYR B 130 28.09 28.53 -9.65
C TYR B 130 28.43 29.66 -10.58
N GLU B 131 29.24 29.37 -11.59
CA GLU B 131 29.63 30.36 -12.58
C GLU B 131 29.38 29.72 -13.94
N ASN B 132 28.61 30.40 -14.79
CA ASN B 132 28.32 29.87 -16.12
C ASN B 132 27.70 28.49 -16.02
N GLY B 133 26.84 28.30 -15.03
CA GLY B 133 26.18 27.02 -14.84
C GLY B 133 27.09 25.91 -14.32
N VAL B 134 28.35 26.23 -14.02
CA VAL B 134 29.27 25.22 -13.53
C VAL B 134 29.52 25.33 -12.03
N PHE B 135 29.61 24.19 -11.37
CA PHE B 135 29.88 24.16 -9.93
C PHE B 135 31.37 24.39 -9.73
N VAL B 136 31.73 25.56 -9.20
CA VAL B 136 33.13 25.88 -9.02
C VAL B 136 33.65 25.88 -7.59
N ARG B 137 32.81 26.23 -6.62
CA ARG B 137 33.26 26.21 -5.23
C ARG B 137 32.25 25.66 -4.24
N GLY B 138 32.68 24.69 -3.45
CA GLY B 138 31.84 24.09 -2.43
C GLY B 138 32.46 24.42 -1.08
N ALA B 139 31.70 25.04 -0.18
CA ALA B 139 32.26 25.41 1.12
C ALA B 139 31.43 25.14 2.36
N THR B 140 32.12 24.94 3.48
CA THR B 140 31.46 24.76 4.76
C THR B 140 31.25 26.17 5.32
N ARG B 141 30.55 26.31 6.44
CA ARG B 141 30.28 27.63 6.99
C ARG B 141 31.46 28.25 7.73
N GLY B 142 32.17 27.46 8.53
CA GLY B 142 33.29 28.02 9.28
C GLY B 142 32.78 29.03 10.29
N ASP B 143 33.43 30.17 10.39
CA ASP B 143 33.00 31.18 11.35
C ASP B 143 31.93 32.09 10.75
N GLY B 144 31.41 31.72 9.59
CA GLY B 144 30.39 32.52 8.96
C GLY B 144 30.93 33.54 7.98
N THR B 145 32.22 33.81 8.06
CA THR B 145 32.84 34.78 7.15
C THR B 145 33.84 34.04 6.27
N VAL B 146 34.35 32.92 6.78
CA VAL B 146 35.31 32.10 6.05
C VAL B 146 35.11 30.60 6.36
N GLY B 147 34.98 29.79 5.32
CA GLY B 147 34.80 28.36 5.52
C GLY B 147 35.92 27.51 4.97
N GLU B 148 35.63 26.22 4.77
CA GLU B 148 36.63 25.31 4.23
C GLU B 148 36.15 24.84 2.87
N ASN B 149 37.02 24.98 1.87
CA ASN B 149 36.70 24.57 0.51
C ASN B 149 36.55 23.06 0.47
N ILE B 150 35.36 22.57 0.10
CA ILE B 150 35.13 21.13 0.03
C ILE B 150 34.56 20.71 -1.33
N THR B 151 34.90 21.50 -2.35
CA THR B 151 34.47 21.27 -3.71
C THR B 151 34.78 19.85 -4.19
N GLU B 152 35.97 19.37 -3.85
CA GLU B 152 36.36 18.04 -4.27
C GLU B 152 35.46 16.98 -3.64
N ASN B 153 35.32 17.03 -2.31
CA ASN B 153 34.49 16.07 -1.60
C ASN B 153 33.02 16.18 -2.02
N LEU B 154 32.55 17.41 -2.21
CA LEU B 154 31.17 17.58 -2.60
C LEU B 154 30.87 16.92 -3.95
N ARG B 155 31.85 16.87 -4.85
CA ARG B 155 31.62 16.26 -6.15
C ARG B 155 31.32 14.76 -6.02
N THR B 156 31.58 14.22 -4.82
CA THR B 156 31.32 12.81 -4.59
C THR B 156 29.87 12.62 -4.15
N VAL B 157 29.12 13.72 -4.04
CA VAL B 157 27.73 13.66 -3.63
C VAL B 157 26.75 13.79 -4.80
N ARG B 158 26.23 12.65 -5.25
CA ARG B 158 25.28 12.60 -6.36
C ARG B 158 24.31 13.78 -6.48
N SER B 159 23.52 14.04 -5.44
CA SER B 159 22.54 15.12 -5.47
C SER B 159 23.09 16.50 -5.85
N VAL B 160 24.40 16.71 -5.67
CA VAL B 160 25.03 17.99 -6.00
C VAL B 160 25.28 18.11 -7.49
N PRO B 161 24.64 19.09 -8.15
CA PRO B 161 24.84 19.26 -9.59
C PRO B 161 26.22 19.81 -9.98
N MET B 162 26.89 19.07 -10.86
CA MET B 162 28.21 19.47 -11.33
C MET B 162 28.01 20.64 -12.27
N ARG B 163 26.95 20.57 -13.08
CA ARG B 163 26.63 21.63 -14.03
C ARG B 163 25.11 21.79 -14.15
N LEU B 164 24.66 23.04 -14.27
CA LEU B 164 23.24 23.29 -14.41
C LEU B 164 22.88 23.32 -15.87
N THR B 165 21.60 23.17 -16.17
CA THR B 165 21.12 23.21 -17.54
C THR B 165 21.25 24.64 -18.05
N GLU B 166 20.86 25.60 -17.21
CA GLU B 166 20.97 27.02 -17.56
C GLU B 166 22.34 27.50 -17.06
N PRO B 167 23.16 28.05 -17.97
CA PRO B 167 24.49 28.55 -17.62
C PRO B 167 24.48 29.80 -16.76
N ILE B 168 23.72 29.74 -15.66
CA ILE B 168 23.60 30.86 -14.73
C ILE B 168 24.70 30.89 -13.68
N SER B 169 24.88 32.04 -13.06
CA SER B 169 25.89 32.18 -12.02
C SER B 169 25.18 32.53 -10.72
N VAL B 170 25.28 31.63 -9.75
CA VAL B 170 24.59 31.83 -8.47
C VAL B 170 25.32 31.18 -7.30
N GLU B 171 24.97 31.64 -6.11
CA GLU B 171 25.50 31.10 -4.86
C GLU B 171 24.30 30.71 -4.01
N VAL B 172 24.17 29.42 -3.76
CA VAL B 172 23.07 28.88 -2.97
C VAL B 172 23.54 28.10 -1.75
N ARG B 173 22.78 28.23 -0.67
CA ARG B 173 23.09 27.56 0.61
C ARG B 173 22.08 26.46 0.94
N GLY B 174 22.58 25.39 1.55
CA GLY B 174 21.74 24.28 1.93
C GLY B 174 22.36 23.46 3.04
N GLU B 175 22.00 22.18 3.09
CA GLU B 175 22.52 21.28 4.10
C GLU B 175 22.95 19.97 3.47
N CYS B 176 24.08 19.42 3.92
CA CYS B 176 24.57 18.13 3.46
C CYS B 176 24.43 17.26 4.68
N TYR B 177 23.76 16.12 4.55
CA TYR B 177 23.53 15.23 5.70
C TYR B 177 23.72 13.77 5.36
N MET B 178 23.56 12.91 6.37
CA MET B 178 23.67 11.48 6.17
C MET B 178 22.34 10.85 6.58
N PRO B 179 21.71 10.10 5.67
CA PRO B 179 20.43 9.46 5.98
C PRO B 179 20.57 8.59 7.23
N LYS B 180 19.45 8.34 7.90
CA LYS B 180 19.45 7.50 9.10
C LYS B 180 19.96 6.12 8.73
N GLN B 181 19.32 5.52 7.73
CA GLN B 181 19.68 4.20 7.25
C GLN B 181 21.19 4.06 7.22
N SER B 182 21.88 5.12 6.82
CA SER B 182 23.33 5.09 6.71
C SER B 182 24.10 5.44 7.99
N PHE B 183 23.57 6.30 8.83
CA PHE B 183 24.26 6.66 10.07
C PHE B 183 24.33 5.42 10.94
N VAL B 184 23.47 4.46 10.65
CA VAL B 184 23.42 3.20 11.37
C VAL B 184 24.53 2.29 10.85
N ALA B 185 24.45 1.96 9.57
CA ALA B 185 25.44 1.11 8.94
C ALA B 185 26.84 1.55 9.30
N LEU B 186 27.12 2.84 9.15
CA LEU B 186 28.43 3.38 9.45
C LEU B 186 28.90 3.15 10.88
N ASN B 187 28.12 3.63 11.85
CA ASN B 187 28.49 3.48 13.25
C ASN B 187 28.61 2.05 13.73
N GLU B 188 27.74 1.16 13.26
CA GLU B 188 27.84 -0.23 13.68
C GLU B 188 29.14 -0.77 13.11
N GLU B 189 29.44 -0.35 11.89
CA GLU B 189 30.65 -0.78 11.20
C GLU B 189 31.87 -0.20 11.91
N ARG B 190 31.91 1.14 11.99
CA ARG B 190 33.02 1.84 12.63
C ARG B 190 33.50 1.22 13.95
N GLU B 191 32.62 0.48 14.62
CA GLU B 191 32.97 -0.17 15.88
C GLU B 191 33.80 -1.43 15.63
N GLU B 192 33.28 -2.31 14.79
CA GLU B 192 33.97 -3.55 14.46
C GLU B 192 35.34 -3.23 13.90
N ASN B 193 35.53 -1.98 13.50
CA ASN B 193 36.80 -1.52 12.96
C ASN B 193 37.59 -0.97 14.14
N GLY B 194 36.88 -0.76 15.24
CA GLY B 194 37.50 -0.23 16.44
C GLY B 194 37.38 1.28 16.54
N GLN B 195 37.33 1.95 15.39
CA GLN B 195 37.22 3.39 15.37
C GLN B 195 36.07 3.89 16.24
N ASP B 196 36.23 5.11 16.78
CA ASP B 196 35.21 5.70 17.63
C ASP B 196 34.01 6.07 16.77
N ILE B 197 32.83 5.58 17.16
CA ILE B 197 31.63 5.88 16.42
C ILE B 197 31.31 7.36 16.49
N PHE B 198 30.35 7.81 15.69
CA PHE B 198 29.95 9.21 15.71
C PHE B 198 28.76 9.35 16.66
N ALA B 199 28.69 10.49 17.31
CA ALA B 199 27.62 10.78 18.24
C ALA B 199 26.26 10.68 17.56
N ASN B 200 25.90 11.75 16.86
CA ASN B 200 24.64 11.83 16.15
C ASN B 200 24.92 12.00 14.66
N PRO B 201 23.88 11.83 13.82
CA PRO B 201 23.97 11.95 12.37
C PRO B 201 24.79 13.14 11.88
N ARG B 202 24.61 14.28 12.54
CA ARG B 202 25.31 15.48 12.13
C ARG B 202 26.83 15.33 12.15
N ASN B 203 27.38 14.87 13.27
CA ASN B 203 28.84 14.72 13.34
C ASN B 203 29.38 13.70 12.31
N ALA B 204 28.63 12.65 12.06
CA ALA B 204 29.06 11.66 11.08
C ALA B 204 29.12 12.33 9.72
N ALA B 205 28.11 13.17 9.47
CA ALA B 205 28.03 13.91 8.21
C ALA B 205 29.26 14.79 8.04
N ALA B 206 29.44 15.71 9.00
CA ALA B 206 30.56 16.65 8.99
C ALA B 206 31.90 15.95 9.12
N GLY B 207 31.91 14.75 9.68
CA GLY B 207 33.15 14.01 9.81
C GLY B 207 33.59 13.47 8.46
N SER B 208 32.61 13.09 7.64
CA SER B 208 32.88 12.57 6.31
C SER B 208 33.22 13.69 5.32
N LEU B 209 32.51 14.80 5.38
CA LEU B 209 32.78 15.90 4.47
C LEU B 209 34.09 16.60 4.77
N ARG B 210 34.39 16.79 6.04
CA ARG B 210 35.62 17.47 6.41
C ARG B 210 36.84 16.54 6.42
N GLN B 211 36.73 15.48 5.62
CA GLN B 211 37.78 14.49 5.47
C GLN B 211 38.67 15.06 4.36
N LEU B 212 39.98 14.81 4.42
CA LEU B 212 40.85 15.35 3.38
C LEU B 212 40.89 14.44 2.17
N ASP B 213 40.78 13.14 2.40
CA ASP B 213 40.80 12.18 1.32
C ASP B 213 39.42 11.96 0.70
N THR B 214 39.17 12.62 -0.42
CA THR B 214 37.87 12.49 -1.09
C THR B 214 37.60 11.01 -1.44
N LYS B 215 38.64 10.20 -1.43
CA LYS B 215 38.48 8.79 -1.76
C LYS B 215 37.59 8.13 -0.73
N ILE B 216 37.64 8.65 0.50
CA ILE B 216 36.82 8.12 1.60
C ILE B 216 35.39 8.65 1.52
N VAL B 217 35.28 9.95 1.37
CA VAL B 217 33.99 10.62 1.25
C VAL B 217 33.09 9.83 0.28
N ALA B 218 33.71 9.27 -0.75
CA ALA B 218 32.99 8.51 -1.76
C ALA B 218 32.28 7.27 -1.24
N LYS B 219 32.72 6.76 -0.10
CA LYS B 219 32.10 5.55 0.46
C LYS B 219 31.23 5.84 1.67
N ARG B 220 30.89 7.10 1.90
CA ARG B 220 30.10 7.44 3.06
C ARG B 220 28.60 7.64 2.81
N ASN B 221 28.23 7.93 1.57
CA ASN B 221 26.81 8.15 1.26
C ASN B 221 26.18 9.34 1.98
N LEU B 222 26.18 10.49 1.30
CA LEU B 222 25.60 11.71 1.84
C LEU B 222 24.51 12.15 0.87
N ASN B 223 23.87 13.27 1.18
CA ASN B 223 22.82 13.82 0.33
C ASN B 223 22.65 15.27 0.67
N THR B 224 21.81 15.97 -0.08
CA THR B 224 21.61 17.38 0.19
C THR B 224 20.18 17.87 0.08
N PHE B 225 20.02 19.15 0.40
CA PHE B 225 18.77 19.88 0.37
C PHE B 225 19.19 21.34 0.35
N LEU B 226 18.73 22.09 -0.64
CA LEU B 226 19.09 23.51 -0.75
C LEU B 226 17.89 24.35 -0.36
N TYR B 227 18.10 25.35 0.50
CA TYR B 227 16.98 26.17 0.93
C TYR B 227 17.25 27.67 1.01
N THR B 228 18.40 28.11 0.54
CA THR B 228 18.71 29.53 0.61
C THR B 228 19.46 30.08 -0.60
N VAL B 229 18.97 31.20 -1.12
CA VAL B 229 19.61 31.85 -2.24
C VAL B 229 20.39 33.05 -1.71
N ALA B 230 21.70 33.01 -1.89
CA ALA B 230 22.58 34.08 -1.44
C ALA B 230 22.80 35.06 -2.59
N ASP B 231 23.39 34.58 -3.68
CA ASP B 231 23.62 35.42 -4.84
C ASP B 231 22.62 34.97 -5.90
N PHE B 232 21.60 35.78 -6.09
CA PHE B 232 20.53 35.47 -7.04
C PHE B 232 20.87 35.28 -8.51
N GLY B 233 21.80 36.07 -9.02
CA GLY B 233 22.10 35.95 -10.43
C GLY B 233 20.80 36.32 -11.13
N PRO B 234 20.36 35.52 -12.10
CA PRO B 234 19.12 35.80 -12.82
C PRO B 234 17.82 35.28 -12.15
N MET B 235 17.95 34.58 -11.03
CA MET B 235 16.78 34.06 -10.35
C MET B 235 15.81 35.19 -10.05
N LYS B 236 14.51 34.94 -10.20
CA LYS B 236 13.53 35.98 -9.98
C LYS B 236 12.51 35.79 -8.87
N ALA B 237 12.75 34.84 -7.98
CA ALA B 237 11.83 34.58 -6.86
C ALA B 237 11.78 35.79 -5.94
N LYS B 238 10.57 36.20 -5.55
CA LYS B 238 10.41 37.36 -4.68
C LYS B 238 10.16 36.92 -3.23
N THR B 239 9.94 35.62 -3.03
CA THR B 239 9.68 35.11 -1.68
C THR B 239 10.38 33.79 -1.41
N GLN B 240 10.67 33.55 -0.14
CA GLN B 240 11.34 32.32 0.27
C GLN B 240 10.66 31.08 -0.33
N PHE B 241 9.33 31.03 -0.28
CA PHE B 241 8.65 29.86 -0.83
C PHE B 241 8.87 29.68 -2.33
N GLU B 242 8.99 30.81 -3.03
CA GLU B 242 9.23 30.75 -4.47
C GLU B 242 10.66 30.32 -4.70
N ALA B 243 11.57 30.82 -3.86
CA ALA B 243 12.98 30.46 -4.01
C ALA B 243 13.11 28.93 -3.95
N LEU B 244 12.41 28.31 -3.01
CA LEU B 244 12.47 26.85 -2.90
C LEU B 244 12.00 26.24 -4.20
N GLU B 245 11.00 26.86 -4.81
CA GLU B 245 10.45 26.37 -6.06
C GLU B 245 11.44 26.60 -7.19
N GLU B 246 12.02 27.79 -7.24
CA GLU B 246 12.95 28.08 -8.32
C GLU B 246 14.16 27.16 -8.18
N LEU B 247 14.65 27.02 -6.95
CA LEU B 247 15.80 26.17 -6.66
C LEU B 247 15.61 24.76 -7.20
N SER B 248 14.42 24.23 -6.96
CA SER B 248 14.11 22.90 -7.40
C SER B 248 14.04 22.84 -8.93
N ALA B 249 13.42 23.85 -9.53
CA ALA B 249 13.28 23.88 -10.97
C ALA B 249 14.60 24.07 -11.72
N ILE B 250 15.54 24.76 -11.10
CA ILE B 250 16.83 24.99 -11.72
C ILE B 250 17.60 23.67 -11.74
N GLY B 251 17.31 22.80 -10.79
CA GLY B 251 17.99 21.51 -10.76
C GLY B 251 18.52 21.03 -9.42
N PHE B 252 18.38 21.84 -8.38
CA PHE B 252 18.86 21.43 -7.05
C PHE B 252 17.85 20.59 -6.30
N ARG B 253 18.34 19.69 -5.45
CA ARG B 253 17.45 18.86 -4.65
C ARG B 253 16.94 19.71 -3.48
N THR B 254 15.62 19.79 -3.32
CA THR B 254 15.01 20.57 -2.25
C THR B 254 14.07 19.70 -1.44
N ASN B 255 13.73 20.14 -0.23
CA ASN B 255 12.84 19.37 0.62
C ASN B 255 11.38 19.63 0.28
N PRO B 256 10.59 18.57 0.08
CA PRO B 256 9.18 18.66 -0.27
C PRO B 256 8.19 19.09 0.82
N GLU B 257 8.61 19.00 2.08
CA GLU B 257 7.71 19.34 3.18
C GLU B 257 7.56 20.83 3.42
N ARG B 258 7.71 21.63 2.36
CA ARG B 258 7.59 23.07 2.52
C ARG B 258 6.12 23.50 2.56
N GLN B 259 5.84 24.52 3.36
CA GLN B 259 4.47 25.01 3.48
C GLN B 259 4.35 26.49 3.86
N LEU B 260 3.63 27.23 3.03
CA LEU B 260 3.44 28.64 3.30
C LEU B 260 2.30 28.72 4.33
N CYS B 261 2.56 29.39 5.45
CA CYS B 261 1.55 29.53 6.50
C CYS B 261 1.09 30.98 6.62
N GLN B 262 -0.20 31.17 6.86
CA GLN B 262 -0.78 32.50 6.96
C GLN B 262 -0.82 33.03 8.38
N SER B 263 -0.83 32.13 9.36
CA SER B 263 -0.88 32.55 10.76
C SER B 263 0.04 31.72 11.64
N ILE B 264 0.33 32.26 12.83
CA ILE B 264 1.18 31.59 13.79
C ILE B 264 0.50 30.28 14.14
N ASP B 265 -0.82 30.28 14.01
CA ASP B 265 -1.62 29.11 14.30
C ASP B 265 -1.29 27.97 13.34
N GLU B 266 -1.22 28.31 12.06
CA GLU B 266 -0.87 27.32 11.04
C GLU B 266 0.57 26.84 11.36
N VAL B 267 1.46 27.80 11.65
CA VAL B 267 2.83 27.48 11.98
C VAL B 267 2.91 26.47 13.13
N TRP B 268 2.13 26.68 14.18
CA TRP B 268 2.20 25.76 15.29
C TRP B 268 1.73 24.37 14.86
N ALA B 269 0.67 24.32 14.06
CA ALA B 269 0.14 23.05 13.57
C ALA B 269 1.19 22.33 12.72
N TYR B 270 1.97 23.11 11.98
CA TYR B 270 3.01 22.54 11.11
C TYR B 270 4.08 21.91 11.96
N ILE B 271 4.51 22.64 13.00
CA ILE B 271 5.54 22.17 13.92
C ILE B 271 5.09 20.87 14.57
N GLU B 272 3.81 20.80 14.90
CA GLU B 272 3.27 19.60 15.52
C GLU B 272 3.15 18.46 14.54
N GLU B 273 2.60 18.74 13.38
CA GLU B 273 2.43 17.72 12.35
C GLU B 273 3.73 16.95 12.14
N TYR B 274 4.80 17.68 11.84
CA TYR B 274 6.07 17.05 11.59
C TYR B 274 6.77 16.47 12.80
N HIS B 275 6.54 17.05 13.97
CA HIS B 275 7.17 16.45 15.12
C HIS B 275 6.66 15.00 15.20
N GLU B 276 5.42 14.78 14.76
CA GLU B 276 4.83 13.44 14.80
C GLU B 276 5.18 12.51 13.63
N LYS B 277 5.50 13.09 12.46
CA LYS B 277 5.86 12.29 11.28
C LYS B 277 7.33 11.90 11.30
N ARG B 278 8.09 12.60 12.14
CA ARG B 278 9.52 12.42 12.30
C ARG B 278 10.12 11.08 11.85
N SER B 279 9.69 9.99 12.48
CA SER B 279 10.21 8.66 12.16
C SER B 279 9.89 8.16 10.75
N THR B 280 8.98 8.84 10.05
CA THR B 280 8.61 8.44 8.69
C THR B 280 9.52 9.06 7.62
N LEU B 281 10.48 9.86 8.05
CA LEU B 281 11.42 10.52 7.15
C LEU B 281 12.79 9.84 7.23
N PRO B 282 13.41 9.55 6.08
CA PRO B 282 14.73 8.91 6.06
C PRO B 282 15.87 9.76 6.61
N TYR B 283 15.59 11.00 6.96
CA TYR B 283 16.62 11.86 7.48
C TYR B 283 16.27 12.43 8.84
N GLU B 284 17.30 12.74 9.62
CA GLU B 284 17.09 13.30 10.95
C GLU B 284 16.91 14.80 10.84
N ILE B 285 15.85 15.31 11.49
CA ILE B 285 15.60 16.73 11.52
C ILE B 285 15.80 17.13 12.99
N ASP B 286 16.45 18.25 13.27
CA ASP B 286 16.60 18.61 14.68
C ASP B 286 15.62 19.73 15.07
N GLY B 287 14.56 19.87 14.28
CA GLY B 287 13.57 20.90 14.55
C GLY B 287 12.91 21.48 13.31
N ILE B 288 12.36 22.68 13.47
CA ILE B 288 11.66 23.38 12.39
C ILE B 288 12.18 24.79 12.21
N VAL B 289 12.25 25.24 10.96
CA VAL B 289 12.70 26.61 10.71
C VAL B 289 11.53 27.38 10.11
N ILE B 290 11.12 28.46 10.79
CA ILE B 290 10.02 29.32 10.34
C ILE B 290 10.67 30.59 9.80
N LYS B 291 10.28 31.00 8.59
CA LYS B 291 10.88 32.19 7.97
C LYS B 291 9.88 33.14 7.35
N VAL B 292 10.08 34.44 7.56
CA VAL B 292 9.21 35.44 6.96
C VAL B 292 9.33 35.17 5.47
N ASN B 293 8.19 34.97 4.80
CA ASN B 293 8.20 34.64 3.39
C ASN B 293 8.64 35.75 2.43
N GLU B 294 8.10 36.95 2.63
CA GLU B 294 8.45 38.06 1.76
C GLU B 294 9.90 38.47 1.98
N PHE B 295 10.67 38.54 0.89
CA PHE B 295 12.07 38.94 1.02
C PHE B 295 12.15 40.44 1.32
N ALA B 296 11.20 41.23 0.82
CA ALA B 296 11.21 42.66 1.09
C ALA B 296 11.16 42.82 2.59
N LEU B 297 10.29 42.03 3.23
CA LEU B 297 10.15 42.06 4.68
C LEU B 297 11.38 41.47 5.39
N GLN B 298 12.03 40.48 4.79
CA GLN B 298 13.23 39.92 5.40
C GLN B 298 14.28 41.02 5.44
N ASP B 299 14.37 41.79 4.37
CA ASP B 299 15.33 42.87 4.27
C ASP B 299 14.99 43.90 5.33
N GLU B 300 13.71 44.11 5.57
CA GLU B 300 13.28 45.06 6.56
C GLU B 300 13.75 44.61 7.97
N LEU B 301 13.52 43.35 8.28
CA LEU B 301 13.93 42.83 9.58
C LEU B 301 15.43 42.86 9.80
N GLY B 302 16.21 42.44 8.82
CA GLY B 302 17.66 42.45 8.95
C GLY B 302 18.26 41.35 9.79
N PHE B 303 19.56 41.47 10.07
CA PHE B 303 20.27 40.48 10.87
C PHE B 303 20.88 41.05 12.15
N THR B 304 21.45 40.17 12.95
CA THR B 304 22.11 40.55 14.19
C THR B 304 23.51 40.00 14.05
N VAL B 305 24.36 40.29 15.01
CA VAL B 305 25.72 39.79 14.96
C VAL B 305 25.75 38.31 14.56
N LYS B 306 24.83 37.52 15.11
CA LYS B 306 24.83 36.08 14.89
C LYS B 306 23.72 35.44 14.06
N ALA B 307 22.61 36.14 13.83
CA ALA B 307 21.51 35.52 13.10
C ALA B 307 20.47 36.51 12.60
N PRO B 308 19.67 36.08 11.61
CA PRO B 308 18.62 36.92 11.01
C PRO B 308 17.47 37.14 11.98
N ARG B 309 16.80 38.28 11.85
CA ARG B 309 15.66 38.58 12.70
C ARG B 309 14.37 38.08 12.03
N TRP B 310 14.48 37.65 10.78
CA TRP B 310 13.30 37.20 10.05
C TRP B 310 13.00 35.70 10.12
N ALA B 311 13.68 34.99 11.02
CA ALA B 311 13.42 33.56 11.14
C ALA B 311 13.77 33.02 12.51
N ILE B 312 13.28 31.81 12.80
CA ILE B 312 13.55 31.16 14.08
C ILE B 312 13.55 29.63 13.91
N ALA B 313 14.29 28.96 14.77
CA ALA B 313 14.36 27.50 14.70
C ALA B 313 13.73 26.96 15.96
N TYR B 314 12.71 26.14 15.78
CA TYR B 314 12.06 25.51 16.91
C TYR B 314 12.83 24.22 16.95
N LYS B 315 13.55 24.00 18.06
CA LYS B 315 14.40 22.82 18.21
C LYS B 315 13.67 21.57 18.65
N PHE B 316 14.13 20.41 18.20
CA PHE B 316 13.54 19.12 18.54
C PHE B 316 14.62 18.24 19.17
N PRO B 317 14.39 17.69 20.36
CA PRO B 317 15.48 16.87 20.88
C PRO B 317 15.65 15.72 19.88
N PRO B 318 16.87 15.17 19.74
CA PRO B 318 17.06 14.07 18.79
C PRO B 318 15.95 13.05 18.97
N GLU B 319 15.43 12.50 17.88
CA GLU B 319 14.32 11.55 18.03
C GLU B 319 14.79 10.34 18.83
N GLU B 320 16.10 10.23 18.98
CA GLU B 320 16.68 9.14 19.75
C GLU B 320 16.17 9.23 21.18
N ALA B 321 16.24 10.43 21.75
CA ALA B 321 15.83 10.69 23.13
C ALA B 321 14.34 10.66 23.38
N GLU B 322 13.56 10.61 22.31
CA GLU B 322 12.12 10.57 22.43
C GLU B 322 11.60 9.15 22.30
N THR B 323 12.50 8.22 22.03
CA THR B 323 12.08 6.84 21.88
C THR B 323 13.16 5.95 22.45
N VAL B 324 12.94 5.46 23.66
CA VAL B 324 13.92 4.60 24.30
C VAL B 324 13.37 3.17 24.32
N GLN C 4 -13.10 -0.21 7.81
CA GLN C 4 -14.36 -0.10 7.00
C GLN C 4 -15.45 -1.06 7.50
N PRO C 5 -16.45 -0.52 8.23
CA PRO C 5 -17.58 -1.25 8.80
C PRO C 5 -18.29 -2.14 7.79
N LEU C 6 -18.42 -1.61 6.58
CA LEU C 6 -19.09 -2.31 5.50
C LEU C 6 -18.14 -3.22 4.75
N THR C 7 -18.62 -4.40 4.38
CA THR C 7 -17.83 -5.36 3.63
C THR C 7 -18.14 -5.13 2.15
N LEU C 8 -17.18 -5.38 1.26
CA LEU C 8 -17.39 -5.16 -0.17
C LEU C 8 -18.79 -5.60 -0.59
N THR C 9 -19.15 -6.84 -0.29
CA THR C 9 -20.48 -7.34 -0.63
C THR C 9 -21.55 -6.44 0.00
N ALA C 10 -21.49 -6.27 1.31
CA ALA C 10 -22.47 -5.45 2.00
C ALA C 10 -22.63 -4.08 1.33
N ALA C 11 -21.49 -3.50 0.94
CA ALA C 11 -21.46 -2.19 0.30
C ALA C 11 -21.97 -2.24 -1.13
N THR C 12 -21.67 -3.33 -1.83
CA THR C 12 -22.12 -3.46 -3.20
C THR C 12 -23.64 -3.50 -3.22
N THR C 13 -24.20 -4.39 -2.43
CA THR C 13 -25.65 -4.54 -2.34
C THR C 13 -26.32 -3.20 -2.06
N ARG C 14 -25.84 -2.53 -1.02
CA ARG C 14 -26.40 -1.25 -0.61
C ARG C 14 -26.36 -0.20 -1.72
N ALA C 15 -25.23 -0.10 -2.41
CA ALA C 15 -25.07 0.87 -3.49
C ALA C 15 -26.07 0.60 -4.60
N GLN C 16 -26.14 -0.65 -5.04
CA GLN C 16 -27.05 -1.04 -6.10
C GLN C 16 -28.46 -0.68 -5.65
N GLU C 17 -28.68 -0.83 -4.35
CA GLU C 17 -29.97 -0.53 -3.76
C GLU C 17 -30.22 0.96 -3.85
N LEU C 18 -29.30 1.74 -3.29
CA LEU C 18 -29.42 3.18 -3.27
C LEU C 18 -29.47 3.78 -4.68
N ARG C 19 -28.75 3.18 -5.62
CA ARG C 19 -28.75 3.67 -7.00
C ARG C 19 -30.16 3.59 -7.59
N LYS C 20 -30.80 2.43 -7.46
CA LYS C 20 -32.14 2.25 -7.98
C LYS C 20 -33.11 3.23 -7.30
N GLN C 21 -33.12 3.21 -5.97
CA GLN C 21 -34.00 4.08 -5.21
C GLN C 21 -33.87 5.55 -5.65
N LEU C 22 -32.64 6.06 -5.65
CA LEU C 22 -32.40 7.46 -6.04
C LEU C 22 -32.74 7.79 -7.49
N ASN C 23 -32.33 6.95 -8.43
CA ASN C 23 -32.64 7.22 -9.83
C ASN C 23 -34.15 7.33 -10.01
N GLN C 24 -34.89 6.51 -9.27
CA GLN C 24 -36.34 6.50 -9.32
C GLN C 24 -36.86 7.86 -8.82
N TYR C 25 -36.32 8.31 -7.69
CA TYR C 25 -36.76 9.59 -7.15
C TYR C 25 -36.48 10.74 -8.11
N SER C 26 -35.35 10.67 -8.83
CA SER C 26 -35.00 11.72 -9.77
C SER C 26 -35.94 11.73 -10.98
N HIS C 27 -36.38 10.54 -11.39
CA HIS C 27 -37.28 10.46 -12.52
C HIS C 27 -38.55 11.23 -12.20
N GLU C 28 -39.06 11.02 -11.01
CA GLU C 28 -40.29 11.67 -10.55
C GLU C 28 -40.08 13.15 -10.34
N TYR C 29 -38.99 13.50 -9.70
CA TYR C 29 -38.70 14.89 -9.43
C TYR C 29 -38.37 15.69 -10.68
N TYR C 30 -37.53 15.13 -11.55
CA TYR C 30 -37.12 15.82 -12.77
C TYR C 30 -38.01 15.62 -13.98
N VAL C 31 -38.30 14.37 -14.33
CA VAL C 31 -39.13 14.12 -15.49
C VAL C 31 -40.63 14.24 -15.23
N LYS C 32 -41.02 14.65 -14.03
CA LYS C 32 -42.45 14.77 -13.74
C LYS C 32 -42.86 15.83 -12.70
N ASP C 33 -41.90 16.61 -12.20
CA ASP C 33 -42.18 17.65 -11.20
C ASP C 33 -43.26 17.16 -10.24
N GLN C 34 -43.12 15.90 -9.82
CA GLN C 34 -44.07 15.26 -8.93
C GLN C 34 -43.35 14.20 -8.09
N PRO C 35 -42.49 14.63 -7.15
CA PRO C 35 -41.72 13.76 -6.26
C PRO C 35 -42.56 12.89 -5.32
N SER C 36 -42.04 11.73 -4.94
CA SER C 36 -42.76 10.86 -4.04
C SER C 36 -42.19 10.93 -2.64
N VAL C 37 -41.04 11.60 -2.49
CA VAL C 37 -40.39 11.77 -1.20
C VAL C 37 -39.91 13.21 -1.03
N GLU C 38 -39.72 13.61 0.24
CA GLU C 38 -39.24 14.95 0.59
C GLU C 38 -37.75 15.10 0.23
N ASP C 39 -37.35 16.30 -0.16
CA ASP C 39 -35.96 16.57 -0.55
C ASP C 39 -34.93 16.10 0.47
N TYR C 40 -35.20 16.29 1.75
CA TYR C 40 -34.24 15.89 2.77
C TYR C 40 -34.10 14.38 2.89
N VAL C 41 -35.09 13.65 2.39
CA VAL C 41 -35.07 12.18 2.42
C VAL C 41 -34.21 11.66 1.27
N TYR C 42 -34.25 12.38 0.16
CA TYR C 42 -33.46 12.03 -1.02
C TYR C 42 -32.02 12.31 -0.65
N ASP C 43 -31.79 13.50 -0.11
CA ASP C 43 -30.45 13.90 0.28
C ASP C 43 -29.80 12.93 1.26
N ARG C 44 -30.53 12.46 2.27
CA ARG C 44 -29.94 11.51 3.20
C ARG C 44 -29.47 10.28 2.42
N LEU C 45 -30.38 9.62 1.73
CA LEU C 45 -30.04 8.45 0.94
C LEU C 45 -28.90 8.74 -0.03
N TYR C 46 -28.85 9.97 -0.53
CA TYR C 46 -27.80 10.38 -1.45
C TYR C 46 -26.44 10.37 -0.74
N LYS C 47 -26.39 11.03 0.42
CA LYS C 47 -25.16 11.09 1.19
C LYS C 47 -24.66 9.69 1.52
N GLU C 48 -25.55 8.75 1.76
CA GLU C 48 -25.11 7.40 2.08
C GLU C 48 -24.39 6.78 0.86
N LEU C 49 -24.95 7.00 -0.33
CA LEU C 49 -24.35 6.46 -1.53
C LEU C 49 -23.00 7.08 -1.79
N VAL C 50 -22.91 8.40 -1.61
CA VAL C 50 -21.65 9.10 -1.82
C VAL C 50 -20.60 8.48 -0.94
N ASP C 51 -20.93 8.30 0.33
CA ASP C 51 -19.99 7.71 1.28
C ASP C 51 -19.50 6.33 0.85
N ILE C 52 -20.42 5.47 0.43
CA ILE C 52 -20.05 4.14 -0.02
C ILE C 52 -19.12 4.25 -1.23
N GLU C 53 -19.51 5.06 -2.21
CA GLU C 53 -18.68 5.25 -3.40
C GLU C 53 -17.32 5.80 -3.01
N THR C 54 -17.27 6.57 -1.92
CA THR C 54 -15.99 7.09 -1.48
C THR C 54 -15.19 5.98 -0.78
N GLU C 55 -15.88 5.10 -0.05
CA GLU C 55 -15.23 3.99 0.64
C GLU C 55 -14.84 2.90 -0.35
N PHE C 56 -15.59 2.80 -1.43
CA PHE C 56 -15.34 1.80 -2.48
C PHE C 56 -15.55 2.45 -3.83
N PRO C 57 -14.60 3.28 -4.28
CA PRO C 57 -14.73 3.95 -5.58
C PRO C 57 -14.92 3.04 -6.78
N ASP C 58 -14.58 1.76 -6.62
CA ASP C 58 -14.75 0.82 -7.72
C ASP C 58 -16.22 0.47 -7.94
N LEU C 59 -17.09 0.91 -7.03
CA LEU C 59 -18.52 0.66 -7.16
C LEU C 59 -19.14 1.76 -8.00
N ILE C 60 -18.42 2.87 -8.16
CA ILE C 60 -18.87 4.00 -8.96
C ILE C 60 -19.25 3.55 -10.36
N THR C 61 -20.31 4.13 -10.90
CA THR C 61 -20.75 3.79 -12.25
C THR C 61 -21.35 5.03 -12.89
N PRO C 62 -21.39 5.08 -14.22
CA PRO C 62 -21.96 6.24 -14.92
C PRO C 62 -23.45 6.37 -14.66
N ASP C 63 -24.09 5.28 -14.24
CA ASP C 63 -25.52 5.29 -13.98
C ASP C 63 -25.85 5.82 -12.59
N SER C 64 -24.84 5.90 -11.73
CA SER C 64 -25.06 6.40 -10.38
C SER C 64 -25.44 7.89 -10.39
N PRO C 65 -26.45 8.26 -9.59
CA PRO C 65 -26.84 9.67 -9.58
C PRO C 65 -25.69 10.59 -9.18
N THR C 66 -24.68 10.04 -8.51
CA THR C 66 -23.55 10.87 -8.12
C THR C 66 -22.79 11.34 -9.36
N GLN C 67 -22.95 10.57 -10.44
CA GLN C 67 -22.29 10.89 -11.69
C GLN C 67 -23.26 11.54 -12.68
N ARG C 68 -24.40 11.99 -12.18
CA ARG C 68 -25.41 12.59 -13.06
C ARG C 68 -26.00 13.92 -12.62
N VAL C 69 -26.56 14.64 -13.58
CA VAL C 69 -27.20 15.93 -13.31
C VAL C 69 -28.61 15.96 -13.89
N GLY C 70 -29.55 16.50 -13.12
CA GLY C 70 -30.93 16.61 -13.57
C GLY C 70 -31.55 15.36 -14.15
N GLY C 71 -32.27 15.48 -15.28
CA GLY C 71 -32.89 14.31 -15.87
C GLY C 71 -33.14 14.40 -17.36
N LYS C 72 -33.80 13.37 -17.89
CA LYS C 72 -34.11 13.29 -19.31
C LYS C 72 -35.18 14.28 -19.74
N VAL C 73 -35.05 14.79 -20.95
CA VAL C 73 -35.97 15.77 -21.52
C VAL C 73 -37.41 15.26 -21.65
N LEU C 74 -38.35 16.16 -21.42
CA LEU C 74 -39.78 15.86 -21.50
C LEU C 74 -40.25 16.11 -22.93
N SER C 75 -40.11 15.09 -23.77
CA SER C 75 -40.47 15.12 -25.19
C SER C 75 -41.27 16.32 -25.69
N GLY C 76 -42.45 16.54 -25.11
CA GLY C 76 -43.29 17.65 -25.52
C GLY C 76 -42.57 18.86 -26.10
N PHE C 77 -41.45 19.22 -25.48
CA PHE C 77 -40.66 20.35 -25.93
C PHE C 77 -39.54 19.88 -26.83
N GLU C 78 -39.06 20.80 -27.66
CA GLU C 78 -37.98 20.50 -28.58
C GLU C 78 -36.71 20.34 -27.77
N LYS C 79 -35.97 19.27 -28.05
CA LYS C 79 -34.73 19.04 -27.35
C LYS C 79 -33.92 20.32 -27.52
N ALA C 80 -33.14 20.68 -26.52
CA ALA C 80 -32.35 21.89 -26.60
C ALA C 80 -30.92 21.61 -26.17
N PRO C 81 -30.11 21.13 -27.11
CA PRO C 81 -28.71 20.81 -26.87
C PRO C 81 -27.99 21.90 -26.08
N HIS C 82 -26.97 21.51 -25.35
CA HIS C 82 -26.19 22.44 -24.56
C HIS C 82 -24.75 22.35 -25.04
N ASP C 83 -24.40 23.19 -26.02
CA ASP C 83 -23.04 23.22 -26.55
C ASP C 83 -22.10 23.17 -25.35
N ILE C 84 -22.16 24.22 -24.53
CA ILE C 84 -21.38 24.28 -23.32
C ILE C 84 -22.32 23.64 -22.31
N PRO C 85 -21.85 22.60 -21.61
CA PRO C 85 -22.64 21.86 -20.63
C PRO C 85 -23.07 22.58 -19.35
N MET C 86 -24.18 22.11 -18.79
CA MET C 86 -24.71 22.63 -17.54
C MET C 86 -24.44 21.55 -16.47
N TYR C 87 -24.25 21.97 -15.22
CA TYR C 87 -23.97 21.03 -14.15
C TYR C 87 -24.90 21.18 -12.96
N SER C 88 -24.37 20.77 -11.81
CA SER C 88 -25.06 20.85 -10.54
C SER C 88 -23.99 21.50 -9.64
N LEU C 89 -24.13 21.35 -8.34
CA LEU C 89 -23.17 21.93 -7.41
C LEU C 89 -22.89 20.95 -6.27
N ASN C 90 -21.71 21.05 -5.67
CA ASN C 90 -21.39 20.21 -4.52
C ASN C 90 -22.06 20.95 -3.38
N ASP C 91 -22.79 20.21 -2.55
CA ASP C 91 -23.51 20.80 -1.43
C ASP C 91 -22.86 20.64 -0.06
N GLY C 92 -23.02 21.66 0.77
CA GLY C 92 -22.46 21.63 2.11
C GLY C 92 -23.61 21.72 3.09
N PHE C 93 -23.49 21.05 4.22
CA PHE C 93 -24.56 21.06 5.20
C PHE C 93 -24.07 21.46 6.58
N SER C 94 -22.82 21.92 6.64
CA SER C 94 -22.22 22.32 7.91
C SER C 94 -21.05 23.26 7.72
N LYS C 95 -20.75 24.01 8.76
CA LYS C 95 -19.63 24.94 8.74
C LYS C 95 -18.37 24.18 8.31
N GLU C 96 -18.26 22.92 8.74
CA GLU C 96 -17.10 22.14 8.38
C GLU C 96 -17.00 22.00 6.86
N ASP C 97 -18.07 21.53 6.23
CA ASP C 97 -18.08 21.38 4.78
C ASP C 97 -17.58 22.65 4.13
N ILE C 98 -18.01 23.80 4.64
CA ILE C 98 -17.60 25.07 4.08
C ILE C 98 -16.11 25.33 4.29
N PHE C 99 -15.59 25.04 5.48
CA PHE C 99 -14.17 25.24 5.73
C PHE C 99 -13.35 24.19 4.97
N ALA C 100 -13.92 23.01 4.79
CA ALA C 100 -13.23 21.96 4.05
C ALA C 100 -13.11 22.39 2.60
N PHE C 101 -14.15 23.07 2.11
CA PHE C 101 -14.14 23.55 0.73
C PHE C 101 -13.02 24.55 0.50
N ASP C 102 -12.86 25.45 1.46
CA ASP C 102 -11.81 26.47 1.38
C ASP C 102 -10.42 25.82 1.35
N GLU C 103 -10.23 24.79 2.17
CA GLU C 103 -8.96 24.08 2.23
C GLU C 103 -8.61 23.44 0.88
N ARG C 104 -9.58 22.82 0.22
CA ARG C 104 -9.35 22.18 -1.06
C ARG C 104 -8.96 23.24 -2.10
N VAL C 105 -9.54 24.43 -1.98
CA VAL C 105 -9.22 25.50 -2.93
C VAL C 105 -7.81 26.00 -2.69
N ARG C 106 -7.51 26.35 -1.44
CA ARG C 106 -6.20 26.87 -1.11
C ARG C 106 -5.05 25.91 -1.40
N LYS C 107 -5.28 24.61 -1.24
CA LYS C 107 -4.21 23.67 -1.54
C LYS C 107 -3.99 23.64 -3.06
N ALA C 108 -5.08 23.73 -3.80
CA ALA C 108 -5.00 23.70 -5.24
C ALA C 108 -4.46 24.99 -5.82
N ILE C 109 -5.00 26.11 -5.35
CA ILE C 109 -4.54 27.40 -5.85
C ILE C 109 -3.16 27.76 -5.31
N GLY C 110 -2.87 27.37 -4.09
CA GLY C 110 -1.58 27.66 -3.51
C GLY C 110 -1.58 28.87 -2.58
N LYS C 111 -2.74 29.48 -2.39
CA LYS C 111 -2.83 30.65 -1.53
C LYS C 111 -4.29 31.01 -1.29
N PRO C 112 -4.55 31.88 -0.30
CA PRO C 112 -5.94 32.28 -0.03
C PRO C 112 -6.54 32.91 -1.28
N VAL C 113 -7.86 32.76 -1.42
CA VAL C 113 -8.55 33.30 -2.58
C VAL C 113 -9.85 33.99 -2.16
N ALA C 114 -10.35 34.85 -3.03
CA ALA C 114 -11.59 35.58 -2.76
C ALA C 114 -12.78 34.81 -3.30
N TYR C 115 -13.88 34.87 -2.56
CA TYR C 115 -15.10 34.20 -2.96
C TYR C 115 -16.26 35.16 -3.16
N CYS C 116 -16.89 35.06 -4.31
CA CYS C 116 -18.07 35.88 -4.60
C CYS C 116 -19.24 35.06 -4.06
N CYS C 117 -19.73 35.39 -2.87
CA CYS C 117 -20.85 34.65 -2.30
C CYS C 117 -22.19 35.21 -2.78
N GLU C 118 -23.07 34.32 -3.20
CA GLU C 118 -24.38 34.70 -3.72
C GLU C 118 -25.48 33.85 -3.08
N LEU C 119 -26.74 34.22 -3.32
CA LEU C 119 -27.86 33.46 -2.77
C LEU C 119 -28.30 32.39 -3.77
N LYS C 120 -28.57 31.19 -3.27
CA LYS C 120 -29.02 30.12 -4.14
C LYS C 120 -30.52 30.35 -4.33
N ILE C 121 -30.87 30.96 -5.46
CA ILE C 121 -32.26 31.27 -5.78
C ILE C 121 -33.02 29.99 -6.03
N ASP C 122 -34.01 29.70 -5.18
CA ASP C 122 -34.78 28.47 -5.31
C ASP C 122 -35.86 28.47 -6.39
N GLY C 123 -35.46 28.12 -7.60
CA GLY C 123 -36.38 28.06 -8.71
C GLY C 123 -35.97 27.07 -9.78
N LEU C 124 -36.11 27.48 -11.03
CA LEU C 124 -35.75 26.61 -12.14
C LEU C 124 -34.54 27.14 -12.86
N ALA C 125 -33.66 26.23 -13.26
CA ALA C 125 -32.45 26.63 -13.95
C ALA C 125 -32.74 26.89 -15.42
N ILE C 126 -32.20 27.99 -15.93
CA ILE C 126 -32.41 28.34 -17.32
C ILE C 126 -31.13 28.77 -18.01
N SER C 127 -31.13 28.63 -19.33
CA SER C 127 -30.00 29.04 -20.14
C SER C 127 -30.57 29.92 -21.24
N LEU C 128 -30.08 31.16 -21.33
CA LEU C 128 -30.57 32.12 -22.32
C LEU C 128 -29.56 32.39 -23.44
N ARG C 129 -29.95 32.11 -24.68
CA ARG C 129 -29.07 32.35 -25.82
C ARG C 129 -29.44 33.58 -26.63
N TYR C 130 -28.45 34.42 -26.88
CA TYR C 130 -28.63 35.66 -27.63
C TYR C 130 -27.66 35.75 -28.81
N GLU C 131 -28.21 36.00 -29.99
CA GLU C 131 -27.39 36.16 -31.18
C GLU C 131 -27.55 37.63 -31.56
N ASN C 132 -26.46 38.38 -31.51
CA ASN C 132 -26.50 39.80 -31.84
C ASN C 132 -27.49 40.53 -30.97
N GLY C 133 -27.45 40.25 -29.66
CA GLY C 133 -28.35 40.90 -28.72
C GLY C 133 -29.80 40.45 -28.77
N VAL C 134 -30.09 39.45 -29.60
CA VAL C 134 -31.45 38.97 -29.70
C VAL C 134 -31.68 37.58 -29.08
N PHE C 135 -32.67 37.53 -28.20
CA PHE C 135 -33.07 36.32 -27.52
C PHE C 135 -33.60 35.34 -28.56
N VAL C 136 -32.80 34.31 -28.84
CA VAL C 136 -33.18 33.32 -29.83
C VAL C 136 -33.55 31.96 -29.23
N ARG C 137 -33.14 31.72 -27.98
CA ARG C 137 -33.45 30.44 -27.35
C ARG C 137 -33.44 30.45 -25.84
N GLY C 138 -34.40 29.74 -25.26
CA GLY C 138 -34.50 29.63 -23.82
C GLY C 138 -34.52 28.14 -23.52
N ALA C 139 -33.64 27.67 -22.64
CA ALA C 139 -33.61 26.25 -22.34
C ALA C 139 -33.47 25.88 -20.88
N THR C 140 -34.02 24.72 -20.54
CA THR C 140 -33.96 24.16 -19.19
C THR C 140 -32.68 23.35 -19.12
N ARG C 141 -32.28 22.96 -17.92
CA ARG C 141 -31.05 22.21 -17.76
C ARG C 141 -31.11 20.80 -18.29
N GLY C 142 -32.28 20.19 -18.25
CA GLY C 142 -32.38 18.82 -18.73
C GLY C 142 -31.40 17.92 -17.97
N ASP C 143 -30.55 17.19 -18.68
CA ASP C 143 -29.61 16.34 -17.99
C ASP C 143 -28.21 16.97 -17.99
N GLY C 144 -28.13 18.26 -18.32
CA GLY C 144 -26.84 18.92 -18.32
C GLY C 144 -26.20 19.01 -19.69
N THR C 145 -26.67 18.20 -20.62
CA THR C 145 -26.11 18.24 -21.98
C THR C 145 -27.25 18.47 -22.94
N VAL C 146 -28.47 18.20 -22.48
CA VAL C 146 -29.65 18.40 -23.31
C VAL C 146 -30.82 18.82 -22.44
N GLY C 147 -31.32 20.02 -22.69
CA GLY C 147 -32.47 20.52 -21.94
C GLY C 147 -33.67 20.68 -22.84
N GLU C 148 -34.71 21.31 -22.30
CA GLU C 148 -35.93 21.53 -23.06
C GLU C 148 -35.99 22.99 -23.53
N ASN C 149 -36.53 23.17 -24.73
CA ASN C 149 -36.67 24.49 -25.34
C ASN C 149 -37.95 25.14 -24.82
N ILE C 150 -37.77 26.10 -23.93
CA ILE C 150 -38.89 26.80 -23.34
C ILE C 150 -38.86 28.30 -23.71
N THR C 151 -38.18 28.58 -24.83
CA THR C 151 -38.03 29.93 -25.35
C THR C 151 -39.35 30.69 -25.41
N GLU C 152 -40.38 30.07 -25.98
CA GLU C 152 -41.66 30.75 -26.07
C GLU C 152 -42.25 31.11 -24.72
N ASN C 153 -42.26 30.17 -23.78
CA ASN C 153 -42.80 30.46 -22.47
C ASN C 153 -41.99 31.55 -21.80
N LEU C 154 -40.68 31.57 -22.05
CA LEU C 154 -39.81 32.55 -21.43
C LEU C 154 -40.01 33.99 -21.90
N ARG C 155 -40.52 34.16 -23.12
CA ARG C 155 -40.75 35.50 -23.65
C ARG C 155 -41.88 36.19 -22.91
N THR C 156 -42.66 35.42 -22.15
CA THR C 156 -43.76 36.00 -21.39
C THR C 156 -43.26 36.62 -20.08
N VAL C 157 -42.03 36.27 -19.70
CA VAL C 157 -41.43 36.80 -18.48
C VAL C 157 -40.73 38.15 -18.77
N ARG C 158 -41.36 39.23 -18.36
CA ARG C 158 -40.83 40.57 -18.59
C ARG C 158 -39.33 40.73 -18.28
N SER C 159 -38.88 40.24 -17.13
CA SER C 159 -37.47 40.37 -16.75
C SER C 159 -36.49 39.87 -17.81
N VAL C 160 -36.88 38.88 -18.58
CA VAL C 160 -36.01 38.35 -19.63
C VAL C 160 -36.04 39.35 -20.77
N PRO C 161 -34.92 40.04 -21.01
CA PRO C 161 -34.84 41.04 -22.08
C PRO C 161 -34.91 40.43 -23.47
N MET C 162 -35.72 41.02 -24.35
CA MET C 162 -35.82 40.51 -25.70
C MET C 162 -34.61 40.97 -26.50
N ARG C 163 -34.15 42.18 -26.23
CA ARG C 163 -32.97 42.72 -26.91
C ARG C 163 -32.02 43.28 -25.86
N LEU C 164 -30.71 43.03 -26.04
CA LEU C 164 -29.71 43.51 -25.10
C LEU C 164 -29.31 44.96 -25.39
N THR C 165 -28.64 45.59 -24.43
CA THR C 165 -28.21 46.98 -24.59
C THR C 165 -27.16 47.07 -25.68
N GLU C 166 -26.77 45.92 -26.20
CA GLU C 166 -25.78 45.86 -27.27
C GLU C 166 -26.12 44.67 -28.16
N PRO C 167 -25.63 44.68 -29.41
CA PRO C 167 -25.89 43.61 -30.37
C PRO C 167 -24.93 42.43 -30.28
N ILE C 168 -24.52 42.08 -29.06
CA ILE C 168 -23.58 40.98 -28.83
C ILE C 168 -24.18 39.57 -28.75
N SER C 169 -23.33 38.57 -28.94
CA SER C 169 -23.78 37.19 -28.86
C SER C 169 -23.22 36.55 -27.61
N VAL C 170 -24.12 36.04 -26.77
CA VAL C 170 -23.71 35.42 -25.51
C VAL C 170 -24.65 34.31 -25.11
N GLU C 171 -24.22 33.58 -24.08
CA GLU C 171 -25.01 32.50 -23.52
C GLU C 171 -24.82 32.62 -22.03
N VAL C 172 -25.91 32.95 -21.35
CA VAL C 172 -25.90 33.13 -19.91
C VAL C 172 -26.89 32.19 -19.21
N ARG C 173 -26.57 31.83 -17.97
CA ARG C 173 -27.41 30.93 -17.19
C ARG C 173 -27.90 31.56 -15.89
N GLY C 174 -29.02 31.05 -15.38
CA GLY C 174 -29.56 31.61 -14.16
C GLY C 174 -30.81 30.90 -13.65
N GLU C 175 -31.55 31.57 -12.79
CA GLU C 175 -32.74 30.97 -12.20
C GLU C 175 -34.06 31.69 -12.52
N CYS C 176 -35.06 30.91 -12.90
CA CYS C 176 -36.40 31.46 -13.14
C CYS C 176 -37.23 30.99 -11.96
N TYR C 177 -37.87 31.92 -11.25
CA TYR C 177 -38.67 31.54 -10.09
C TYR C 177 -40.01 32.26 -10.00
N MET C 178 -40.82 31.83 -9.03
CA MET C 178 -42.10 32.44 -8.78
C MET C 178 -42.01 33.09 -7.41
N PRO C 179 -42.09 34.42 -7.34
CA PRO C 179 -42.01 35.14 -6.06
C PRO C 179 -42.97 34.54 -5.03
N LYS C 180 -42.74 34.83 -3.74
CA LYS C 180 -43.60 34.30 -2.69
C LYS C 180 -45.03 34.85 -2.86
N GLN C 181 -45.11 36.17 -3.02
CA GLN C 181 -46.37 36.86 -3.23
C GLN C 181 -47.18 36.13 -4.29
N SER C 182 -46.58 35.98 -5.47
CA SER C 182 -47.21 35.34 -6.62
C SER C 182 -47.62 33.90 -6.32
N PHE C 183 -46.74 33.16 -5.67
CA PHE C 183 -47.02 31.77 -5.35
C PHE C 183 -48.27 31.61 -4.50
N VAL C 184 -48.39 32.48 -3.48
CA VAL C 184 -49.54 32.44 -2.59
C VAL C 184 -50.80 32.54 -3.44
N ALA C 185 -50.94 33.70 -4.09
CA ALA C 185 -52.06 33.99 -4.95
C ALA C 185 -52.41 32.82 -5.86
N LEU C 186 -51.41 32.30 -6.57
CA LEU C 186 -51.64 31.19 -7.48
C LEU C 186 -52.33 30.01 -6.82
N ASN C 187 -51.97 29.74 -5.57
CA ASN C 187 -52.60 28.62 -4.89
C ASN C 187 -53.99 28.99 -4.39
N GLU C 188 -54.11 30.10 -3.68
CA GLU C 188 -55.40 30.53 -3.16
C GLU C 188 -56.39 30.65 -4.32
N GLU C 189 -55.86 30.71 -5.53
CA GLU C 189 -56.67 30.80 -6.74
C GLU C 189 -57.14 29.41 -7.15
N ARG C 190 -56.17 28.52 -7.37
CA ARG C 190 -56.45 27.15 -7.79
C ARG C 190 -57.36 26.40 -6.83
N GLU C 191 -57.34 26.76 -5.54
CA GLU C 191 -58.20 26.11 -4.57
C GLU C 191 -59.61 26.64 -4.65
N GLU C 192 -59.79 27.61 -5.54
CA GLU C 192 -61.11 28.18 -5.78
C GLU C 192 -61.54 27.54 -7.09
N ASN C 193 -60.90 26.42 -7.39
CA ASN C 193 -61.17 25.64 -8.60
C ASN C 193 -60.87 24.16 -8.34
N GLY C 194 -60.76 23.81 -7.07
CA GLY C 194 -60.48 22.43 -6.69
C GLY C 194 -59.34 21.78 -7.44
N GLN C 195 -58.26 22.52 -7.66
CA GLN C 195 -57.10 22.02 -8.38
C GLN C 195 -55.97 21.69 -7.42
N ASP C 196 -55.12 20.75 -7.82
CA ASP C 196 -53.98 20.36 -7.01
C ASP C 196 -53.03 21.54 -6.97
N ILE C 197 -53.19 22.42 -5.97
CA ILE C 197 -52.33 23.59 -5.86
C ILE C 197 -50.88 23.14 -5.82
N PHE C 198 -49.97 24.11 -5.89
CA PHE C 198 -48.55 23.78 -5.86
C PHE C 198 -48.03 23.78 -4.44
N ALA C 199 -47.16 22.81 -4.17
CA ALA C 199 -46.55 22.64 -2.87
C ALA C 199 -45.64 23.78 -2.49
N ASN C 200 -44.77 24.17 -3.42
CA ASN C 200 -43.82 25.23 -3.17
C ASN C 200 -43.43 25.96 -4.45
N PRO C 201 -42.93 27.20 -4.31
CA PRO C 201 -42.49 28.05 -5.41
C PRO C 201 -41.74 27.35 -6.55
N ARG C 202 -40.77 26.49 -6.20
CA ARG C 202 -40.02 25.80 -7.24
C ARG C 202 -40.92 24.93 -8.13
N ASN C 203 -41.76 24.09 -7.52
CA ASN C 203 -42.64 23.25 -8.33
C ASN C 203 -43.59 24.08 -9.19
N ALA C 204 -44.09 25.18 -8.60
CA ALA C 204 -45.00 26.07 -9.32
C ALA C 204 -44.31 26.69 -10.52
N ALA C 205 -43.04 27.09 -10.32
CA ALA C 205 -42.27 27.69 -11.39
C ALA C 205 -41.94 26.63 -12.45
N ALA C 206 -41.47 25.47 -12.01
CA ALA C 206 -41.13 24.41 -12.95
C ALA C 206 -42.38 23.94 -13.69
N GLY C 207 -43.49 23.92 -12.99
CA GLY C 207 -44.73 23.49 -13.60
C GLY C 207 -45.26 24.49 -14.61
N SER C 208 -45.09 25.78 -14.31
CA SER C 208 -45.55 26.83 -15.19
C SER C 208 -44.70 26.89 -16.46
N LEU C 209 -43.38 26.86 -16.28
CA LEU C 209 -42.49 26.92 -17.42
C LEU C 209 -42.57 25.68 -18.29
N ARG C 210 -42.52 24.51 -17.67
CA ARG C 210 -42.58 23.26 -18.43
C ARG C 210 -43.98 22.93 -18.90
N GLN C 211 -44.73 23.98 -19.20
CA GLN C 211 -46.09 23.91 -19.69
C GLN C 211 -46.02 24.16 -21.19
N LEU C 212 -46.73 23.36 -21.99
CA LEU C 212 -46.70 23.57 -23.44
C LEU C 212 -47.52 24.77 -23.89
N ASP C 213 -48.65 25.03 -23.23
CA ASP C 213 -49.48 26.16 -23.59
C ASP C 213 -49.02 27.47 -22.94
N THR C 214 -48.34 28.30 -23.73
CA THR C 214 -47.83 29.57 -23.23
C THR C 214 -48.91 30.45 -22.62
N LYS C 215 -50.17 30.14 -22.94
CA LYS C 215 -51.26 30.93 -22.41
C LYS C 215 -51.28 30.74 -20.90
N ILE C 216 -51.04 29.51 -20.46
CA ILE C 216 -51.01 29.20 -19.03
C ILE C 216 -49.88 29.98 -18.37
N VAL C 217 -48.67 29.79 -18.91
CA VAL C 217 -47.49 30.46 -18.40
C VAL C 217 -47.77 31.95 -18.33
N ALA C 218 -48.33 32.47 -19.42
CA ALA C 218 -48.65 33.89 -19.55
C ALA C 218 -49.26 34.52 -18.29
N LYS C 219 -50.08 33.76 -17.58
CA LYS C 219 -50.69 34.29 -16.36
C LYS C 219 -49.93 34.00 -15.07
N ARG C 220 -49.46 32.77 -14.91
CA ARG C 220 -48.74 32.35 -13.72
C ARG C 220 -47.86 33.42 -13.03
N ASN C 221 -47.19 34.25 -13.83
CA ASN C 221 -46.31 35.30 -13.32
C ASN C 221 -45.01 34.82 -12.63
N LEU C 222 -43.89 34.90 -13.35
CA LEU C 222 -42.59 34.46 -12.85
C LEU C 222 -41.58 35.59 -12.90
N ASN C 223 -40.34 35.29 -12.55
CA ASN C 223 -39.27 36.28 -12.60
C ASN C 223 -37.93 35.56 -12.74
N THR C 224 -36.83 36.31 -12.80
CA THR C 224 -35.52 35.67 -12.96
C THR C 224 -34.34 36.39 -12.32
N PHE C 225 -33.22 35.69 -12.31
CA PHE C 225 -31.94 36.15 -11.77
C PHE C 225 -30.87 35.43 -12.57
N LEU C 226 -30.01 36.19 -13.24
CA LEU C 226 -28.93 35.63 -14.05
C LEU C 226 -27.62 35.71 -13.29
N TYR C 227 -26.80 34.67 -13.37
CA TYR C 227 -25.56 34.65 -12.61
C TYR C 227 -24.34 33.96 -13.20
N THR C 228 -24.44 33.44 -14.41
CA THR C 228 -23.27 32.79 -14.95
C THR C 228 -23.15 32.99 -16.46
N VAL C 229 -21.97 33.45 -16.88
CA VAL C 229 -21.69 33.67 -18.29
C VAL C 229 -21.06 32.42 -18.88
N ALA C 230 -21.78 31.76 -19.78
CA ALA C 230 -21.30 30.54 -20.42
C ALA C 230 -20.47 30.88 -21.65
N ASP C 231 -21.02 31.73 -22.51
CA ASP C 231 -20.33 32.19 -23.70
C ASP C 231 -20.22 33.71 -23.58
N PHE C 232 -19.02 34.16 -23.24
CA PHE C 232 -18.72 35.57 -23.05
C PHE C 232 -18.86 36.44 -24.30
N GLY C 233 -18.56 35.85 -25.46
CA GLY C 233 -18.63 36.63 -26.68
C GLY C 233 -17.59 37.70 -26.45
N PRO C 234 -17.97 38.98 -26.58
CA PRO C 234 -17.02 40.08 -26.36
C PRO C 234 -16.94 40.51 -24.89
N MET C 235 -17.71 39.84 -24.03
CA MET C 235 -17.71 40.18 -22.61
C MET C 235 -16.29 40.10 -22.07
N LYS C 236 -15.91 41.12 -21.31
CA LYS C 236 -14.55 41.21 -20.77
C LYS C 236 -14.40 40.97 -19.28
N ALA C 237 -15.49 40.66 -18.58
CA ALA C 237 -15.40 40.43 -17.14
C ALA C 237 -14.38 39.34 -16.82
N LYS C 238 -13.51 39.62 -15.85
CA LYS C 238 -12.48 38.65 -15.47
C LYS C 238 -12.78 37.91 -14.17
N THR C 239 -13.77 38.36 -13.42
CA THR C 239 -14.12 37.69 -12.17
C THR C 239 -15.63 37.54 -12.11
N GLN C 240 -16.09 36.64 -11.25
CA GLN C 240 -17.52 36.39 -11.08
C GLN C 240 -18.28 37.62 -10.63
N PHE C 241 -17.67 38.39 -9.73
CA PHE C 241 -18.30 39.60 -9.23
C PHE C 241 -18.42 40.60 -10.38
N GLU C 242 -17.40 40.65 -11.22
CA GLU C 242 -17.40 41.54 -12.36
C GLU C 242 -18.47 41.09 -13.34
N ALA C 243 -18.63 39.78 -13.47
CA ALA C 243 -19.60 39.20 -14.38
C ALA C 243 -21.03 39.58 -14.03
N LEU C 244 -21.37 39.49 -12.75
CA LEU C 244 -22.71 39.83 -12.30
C LEU C 244 -22.98 41.29 -12.66
N GLU C 245 -21.96 42.13 -12.47
CA GLU C 245 -22.07 43.54 -12.78
C GLU C 245 -22.30 43.74 -14.26
N GLU C 246 -21.57 42.99 -15.07
CA GLU C 246 -21.66 43.10 -16.52
C GLU C 246 -22.98 42.59 -17.04
N LEU C 247 -23.50 41.53 -16.43
CA LEU C 247 -24.77 40.97 -16.84
C LEU C 247 -25.86 42.03 -16.70
N SER C 248 -25.86 42.73 -15.57
CA SER C 248 -26.85 43.76 -15.31
C SER C 248 -26.65 44.95 -16.26
N ALA C 249 -25.42 45.18 -16.66
CA ALA C 249 -25.08 46.28 -17.54
C ALA C 249 -25.57 46.02 -18.97
N ILE C 250 -25.73 44.75 -19.32
CA ILE C 250 -26.18 44.36 -20.65
C ILE C 250 -27.70 44.25 -20.72
N GLY C 251 -28.35 44.17 -19.57
CA GLY C 251 -29.80 44.10 -19.56
C GLY C 251 -30.43 43.00 -18.72
N PHE C 252 -29.62 42.13 -18.13
CA PHE C 252 -30.18 41.07 -17.31
C PHE C 252 -30.41 41.48 -15.87
N ARG C 253 -31.40 40.84 -15.25
CA ARG C 253 -31.74 41.09 -13.87
C ARG C 253 -30.80 40.20 -13.05
N THR C 254 -30.05 40.82 -12.15
CA THR C 254 -29.09 40.11 -11.32
C THR C 254 -29.47 40.25 -9.85
N ASN C 255 -29.04 39.31 -9.00
CA ASN C 255 -29.39 39.42 -7.59
C ASN C 255 -28.44 40.37 -6.85
N PRO C 256 -28.99 41.42 -6.23
CA PRO C 256 -28.27 42.46 -5.49
C PRO C 256 -27.52 42.06 -4.22
N GLU C 257 -27.89 40.95 -3.61
CA GLU C 257 -27.23 40.52 -2.37
C GLU C 257 -25.82 39.94 -2.53
N ARG C 258 -25.28 39.99 -3.74
CA ARG C 258 -23.94 39.47 -4.04
C ARG C 258 -22.89 40.07 -3.11
N GLN C 259 -21.95 39.24 -2.67
CA GLN C 259 -20.90 39.76 -1.81
C GLN C 259 -19.58 39.05 -2.04
N LEU C 260 -18.55 39.87 -2.26
CA LEU C 260 -17.20 39.39 -2.49
C LEU C 260 -16.46 39.30 -1.16
N CYS C 261 -16.26 38.08 -0.66
CA CYS C 261 -15.58 37.88 0.62
C CYS C 261 -14.10 37.59 0.43
N GLN C 262 -13.29 38.02 1.39
CA GLN C 262 -11.84 37.82 1.31
C GLN C 262 -11.34 36.64 2.17
N SER C 263 -12.15 36.22 3.15
CA SER C 263 -11.77 35.11 4.01
C SER C 263 -12.91 34.11 4.17
N ILE C 264 -12.57 32.88 4.55
CA ILE C 264 -13.59 31.86 4.73
C ILE C 264 -14.48 32.34 5.86
N ASP C 265 -13.89 33.05 6.82
CA ASP C 265 -14.66 33.60 7.94
C ASP C 265 -15.76 34.54 7.43
N GLU C 266 -15.38 35.51 6.59
CA GLU C 266 -16.36 36.43 6.05
C GLU C 266 -17.42 35.61 5.30
N VAL C 267 -16.97 34.59 4.57
CA VAL C 267 -17.90 33.75 3.84
C VAL C 267 -18.92 33.17 4.81
N TRP C 268 -18.44 32.47 5.83
CA TRP C 268 -19.34 31.88 6.80
C TRP C 268 -20.21 32.95 7.46
N ALA C 269 -19.70 34.18 7.49
CA ALA C 269 -20.46 35.29 8.09
C ALA C 269 -21.63 35.68 7.17
N TYR C 270 -21.41 35.55 5.87
CA TYR C 270 -22.41 35.85 4.86
C TYR C 270 -23.55 34.86 5.00
N ILE C 271 -23.21 33.57 5.01
CA ILE C 271 -24.16 32.49 5.14
C ILE C 271 -25.07 32.71 6.34
N GLU C 272 -24.47 32.88 7.50
CA GLU C 272 -25.23 33.11 8.73
C GLU C 272 -26.25 34.22 8.48
N GLU C 273 -25.74 35.36 8.05
CA GLU C 273 -26.55 36.54 7.80
C GLU C 273 -27.81 36.30 6.96
N TYR C 274 -27.63 35.87 5.73
CA TYR C 274 -28.77 35.66 4.87
C TYR C 274 -29.65 34.50 5.28
N HIS C 275 -29.21 33.75 6.28
CA HIS C 275 -30.01 32.65 6.76
C HIS C 275 -31.07 33.34 7.62
N GLU C 276 -30.64 34.31 8.42
CA GLU C 276 -31.55 35.04 9.28
C GLU C 276 -32.51 35.87 8.42
N LYS C 277 -31.95 36.70 7.54
CA LYS C 277 -32.72 37.57 6.66
C LYS C 277 -33.68 36.83 5.72
N ARG C 278 -33.48 35.52 5.63
CA ARG C 278 -34.28 34.68 4.74
C ARG C 278 -35.73 35.09 4.57
N SER C 279 -36.41 35.39 5.67
CA SER C 279 -37.81 35.77 5.63
C SER C 279 -38.09 37.13 4.98
N THR C 280 -37.18 38.09 5.12
CA THR C 280 -37.36 39.42 4.55
C THR C 280 -37.13 39.51 3.04
N LEU C 281 -37.11 38.37 2.36
CA LEU C 281 -36.90 38.35 0.91
C LEU C 281 -38.17 37.83 0.23
N PRO C 282 -38.57 38.48 -0.86
CA PRO C 282 -39.77 38.09 -1.61
C PRO C 282 -39.67 36.77 -2.36
N TYR C 283 -38.50 36.15 -2.30
CA TYR C 283 -38.27 34.87 -2.99
C TYR C 283 -37.62 33.87 -2.06
N GLU C 284 -38.02 32.62 -2.17
CA GLU C 284 -37.46 31.56 -1.37
C GLU C 284 -36.04 31.30 -1.88
N ILE C 285 -35.10 31.05 -0.98
CA ILE C 285 -33.75 30.74 -1.37
C ILE C 285 -33.50 29.40 -0.72
N ASP C 286 -32.84 28.47 -1.40
CA ASP C 286 -32.59 27.18 -0.77
C ASP C 286 -31.13 27.04 -0.32
N GLY C 287 -30.51 28.18 -0.03
CA GLY C 287 -29.14 28.14 0.44
C GLY C 287 -28.27 29.27 -0.06
N ILE C 288 -26.96 29.04 0.03
CA ILE C 288 -25.96 30.02 -0.41
C ILE C 288 -25.01 29.35 -1.40
N VAL C 289 -24.56 30.09 -2.41
CA VAL C 289 -23.61 29.52 -3.36
C VAL C 289 -22.31 30.31 -3.23
N ILE C 290 -21.23 29.62 -2.88
CA ILE C 290 -19.93 30.27 -2.73
C ILE C 290 -19.05 29.97 -3.93
N LYS C 291 -18.60 31.00 -4.63
CA LYS C 291 -17.77 30.80 -5.81
C LYS C 291 -16.43 31.51 -5.76
N VAL C 292 -15.40 30.86 -6.30
CA VAL C 292 -14.07 31.43 -6.37
C VAL C 292 -14.26 32.59 -7.36
N ASN C 293 -14.07 33.82 -6.88
CA ASN C 293 -14.28 34.99 -7.72
C ASN C 293 -13.48 35.06 -9.02
N GLU C 294 -12.19 34.73 -8.97
CA GLU C 294 -11.32 34.77 -10.14
C GLU C 294 -11.59 33.65 -11.17
N PHE C 295 -11.80 34.02 -12.42
CA PHE C 295 -12.04 33.00 -13.44
C PHE C 295 -10.79 32.20 -13.73
N ALA C 296 -9.64 32.86 -13.82
CA ALA C 296 -8.38 32.17 -14.09
C ALA C 296 -8.16 31.09 -13.04
N LEU C 297 -8.68 31.33 -11.84
CA LEU C 297 -8.55 30.37 -10.76
C LEU C 297 -9.62 29.28 -10.83
N GLN C 298 -10.78 29.61 -11.40
CA GLN C 298 -11.84 28.63 -11.55
C GLN C 298 -11.32 27.61 -12.55
N ASP C 299 -10.78 28.13 -13.65
CA ASP C 299 -10.23 27.31 -14.72
C ASP C 299 -9.27 26.25 -14.18
N GLU C 300 -8.40 26.67 -13.27
CA GLU C 300 -7.42 25.78 -12.68
C GLU C 300 -8.11 24.62 -11.97
N LEU C 301 -9.16 24.93 -11.23
CA LEU C 301 -9.91 23.93 -10.48
C LEU C 301 -10.68 22.96 -11.35
N GLY C 302 -11.25 23.47 -12.44
CA GLY C 302 -12.01 22.61 -13.33
C GLY C 302 -13.30 22.09 -12.73
N PHE C 303 -13.95 21.18 -13.46
CA PHE C 303 -15.21 20.57 -13.02
C PHE C 303 -15.06 19.06 -12.82
N THR C 304 -15.97 18.49 -12.03
CA THR C 304 -16.00 17.04 -11.84
C THR C 304 -16.95 16.62 -12.93
N VAL C 305 -17.45 15.40 -12.87
CA VAL C 305 -18.38 14.91 -13.89
C VAL C 305 -19.74 15.58 -13.69
N LYS C 306 -20.00 15.98 -12.45
CA LYS C 306 -21.28 16.56 -12.06
C LYS C 306 -21.28 18.02 -11.61
N ALA C 307 -20.13 18.55 -11.21
CA ALA C 307 -20.11 19.93 -10.75
C ALA C 307 -18.74 20.57 -10.75
N PRO C 308 -18.71 21.92 -10.75
CA PRO C 308 -17.43 22.65 -10.74
C PRO C 308 -16.75 22.42 -9.40
N ARG C 309 -15.43 22.52 -9.39
CA ARG C 309 -14.68 22.34 -8.16
C ARG C 309 -14.45 23.69 -7.50
N TRP C 310 -14.79 24.74 -8.22
CA TRP C 310 -14.58 26.09 -7.71
C TRP C 310 -15.79 26.70 -7.03
N ALA C 311 -16.77 25.87 -6.67
CA ALA C 311 -17.93 26.40 -6.00
C ALA C 311 -18.59 25.38 -5.10
N ILE C 312 -19.25 25.87 -4.07
CA ILE C 312 -19.95 24.99 -3.16
C ILE C 312 -21.27 25.64 -2.81
N ALA C 313 -22.32 24.82 -2.69
CA ALA C 313 -23.63 25.34 -2.34
C ALA C 313 -23.98 24.91 -0.93
N TYR C 314 -24.10 25.87 -0.02
CA TYR C 314 -24.48 25.57 1.34
C TYR C 314 -26.00 25.51 1.33
N LYS C 315 -26.55 24.32 1.55
CA LYS C 315 -27.99 24.14 1.54
C LYS C 315 -28.73 24.49 2.83
N PHE C 316 -29.90 25.10 2.68
CA PHE C 316 -30.77 25.49 3.80
C PHE C 316 -32.04 24.65 3.69
N PRO C 317 -32.63 24.24 4.82
CA PRO C 317 -33.86 23.47 4.65
C PRO C 317 -34.92 24.55 4.43
N PRO C 318 -36.02 24.24 3.72
CA PRO C 318 -37.04 25.28 3.50
C PRO C 318 -37.41 25.98 4.78
N GLU C 319 -37.64 27.29 4.72
CA GLU C 319 -38.01 28.03 5.93
C GLU C 319 -39.28 27.41 6.53
N GLU C 320 -39.99 26.66 5.69
CA GLU C 320 -41.21 25.95 6.04
C GLU C 320 -40.96 25.02 7.23
N ALA C 321 -39.73 24.52 7.33
CA ALA C 321 -39.37 23.59 8.40
C ALA C 321 -38.54 24.22 9.51
N GLU C 322 -38.19 25.48 9.34
CA GLU C 322 -37.40 26.18 10.35
C GLU C 322 -38.36 26.97 11.21
N THR C 323 -39.63 26.89 10.84
CA THR C 323 -40.70 27.59 11.54
C THR C 323 -41.96 26.73 11.56
N VAL C 324 -42.79 26.93 12.57
CA VAL C 324 -44.03 26.17 12.68
C VAL C 324 -45.14 27.07 13.20
N GLN D 4 4.55 -78.45 23.28
CA GLN D 4 3.64 -77.30 23.01
C GLN D 4 2.34 -77.42 23.81
N PRO D 5 2.12 -76.51 24.77
CA PRO D 5 0.93 -76.48 25.64
C PRO D 5 -0.36 -76.30 24.86
N LEU D 6 -0.29 -75.55 23.78
CA LEU D 6 -1.46 -75.32 22.94
C LEU D 6 -1.66 -76.48 21.99
N THR D 7 -2.89 -76.96 21.87
CA THR D 7 -3.17 -78.06 20.94
C THR D 7 -3.26 -77.45 19.55
N LEU D 8 -3.06 -78.26 18.52
CA LEU D 8 -3.12 -77.72 17.16
C LEU D 8 -4.46 -77.04 16.93
N THR D 9 -5.52 -77.59 17.51
CA THR D 9 -6.85 -77.04 17.37
C THR D 9 -6.95 -75.69 18.08
N ALA D 10 -6.65 -75.69 19.37
CA ALA D 10 -6.69 -74.49 20.20
C ALA D 10 -5.90 -73.39 19.51
N ALA D 11 -4.74 -73.76 18.97
CA ALA D 11 -3.88 -72.83 18.28
C ALA D 11 -4.55 -72.33 17.00
N THR D 12 -5.14 -73.26 16.25
CA THR D 12 -5.80 -72.88 15.01
C THR D 12 -6.98 -71.95 15.23
N THR D 13 -7.73 -72.18 16.30
CA THR D 13 -8.87 -71.32 16.59
C THR D 13 -8.42 -69.95 17.09
N ARG D 14 -7.45 -69.94 17.99
CA ARG D 14 -6.96 -68.69 18.55
C ARG D 14 -6.37 -67.79 17.47
N ALA D 15 -5.68 -68.40 16.49
CA ALA D 15 -5.07 -67.66 15.41
C ALA D 15 -6.11 -67.10 14.47
N GLN D 16 -7.21 -67.83 14.30
CA GLN D 16 -8.28 -67.38 13.43
C GLN D 16 -8.92 -66.18 14.10
N GLU D 17 -9.16 -66.29 15.39
CA GLU D 17 -9.73 -65.21 16.17
C GLU D 17 -8.91 -63.93 16.03
N LEU D 18 -7.65 -64.06 16.42
CA LEU D 18 -6.71 -62.94 16.40
C LEU D 18 -6.60 -62.25 15.05
N ARG D 19 -6.43 -63.01 13.97
CA ARG D 19 -6.31 -62.40 12.65
C ARG D 19 -7.52 -61.53 12.39
N LYS D 20 -8.70 -62.13 12.51
CA LYS D 20 -9.93 -61.41 12.28
C LYS D 20 -10.01 -60.17 13.17
N GLN D 21 -9.72 -60.34 14.45
CA GLN D 21 -9.78 -59.23 15.38
C GLN D 21 -8.72 -58.17 15.08
N LEU D 22 -7.48 -58.61 14.91
CA LEU D 22 -6.39 -57.69 14.61
C LEU D 22 -6.58 -56.89 13.33
N ASN D 23 -7.05 -57.56 12.28
CA ASN D 23 -7.27 -56.86 11.02
C ASN D 23 -8.33 -55.78 11.19
N GLN D 24 -9.33 -56.10 12.00
CA GLN D 24 -10.42 -55.18 12.31
C GLN D 24 -9.81 -53.90 12.90
N TYR D 25 -8.97 -54.07 13.92
CA TYR D 25 -8.33 -52.93 14.58
C TYR D 25 -7.43 -52.15 13.63
N SER D 26 -6.70 -52.86 12.78
CA SER D 26 -5.82 -52.20 11.83
C SER D 26 -6.65 -51.33 10.89
N HIS D 27 -7.82 -51.84 10.52
CA HIS D 27 -8.72 -51.12 9.64
C HIS D 27 -9.06 -49.78 10.31
N GLU D 28 -9.65 -49.84 11.48
CA GLU D 28 -10.03 -48.64 12.20
C GLU D 28 -8.85 -47.68 12.40
N TYR D 29 -7.67 -48.23 12.64
CA TYR D 29 -6.49 -47.44 12.90
C TYR D 29 -5.77 -46.79 11.70
N TYR D 30 -5.57 -47.56 10.63
CA TYR D 30 -4.89 -47.01 9.47
C TYR D 30 -5.92 -46.31 8.59
N VAL D 31 -6.99 -47.03 8.28
CA VAL D 31 -8.03 -46.49 7.43
C VAL D 31 -8.70 -45.24 8.00
N LYS D 32 -9.34 -45.39 9.15
CA LYS D 32 -10.06 -44.27 9.77
C LYS D 32 -9.33 -43.47 10.83
N ASP D 33 -8.09 -43.84 11.15
CA ASP D 33 -7.34 -43.13 12.19
C ASP D 33 -8.25 -42.93 13.41
N GLN D 34 -9.07 -43.96 13.68
CA GLN D 34 -10.04 -43.95 14.78
C GLN D 34 -10.02 -45.32 15.52
N PRO D 35 -8.92 -45.64 16.23
CA PRO D 35 -8.75 -46.90 16.98
C PRO D 35 -9.80 -47.20 18.05
N SER D 36 -10.26 -48.44 18.09
CA SER D 36 -11.26 -48.83 19.07
C SER D 36 -10.62 -49.33 20.38
N VAL D 37 -9.32 -49.65 20.35
CA VAL D 37 -8.61 -50.12 21.53
C VAL D 37 -7.26 -49.41 21.67
N GLU D 38 -6.68 -49.50 22.86
CA GLU D 38 -5.38 -48.89 23.17
C GLU D 38 -4.27 -49.59 22.39
N ASP D 39 -3.20 -48.87 22.09
CA ASP D 39 -2.06 -49.42 21.35
C ASP D 39 -1.47 -50.66 22.02
N TYR D 40 -1.34 -50.62 23.34
CA TYR D 40 -0.76 -51.75 24.06
C TYR D 40 -1.66 -52.98 23.99
N VAL D 41 -2.95 -52.75 23.77
CA VAL D 41 -3.90 -53.85 23.67
C VAL D 41 -3.71 -54.52 22.30
N TYR D 42 -3.48 -53.71 21.28
CA TYR D 42 -3.25 -54.26 19.96
C TYR D 42 -1.91 -54.99 20.01
N ASP D 43 -0.90 -54.36 20.61
CA ASP D 43 0.42 -54.97 20.71
C ASP D 43 0.42 -56.33 21.46
N ARG D 44 -0.31 -56.45 22.56
CA ARG D 44 -0.35 -57.71 23.30
C ARG D 44 -0.98 -58.82 22.46
N LEU D 45 -2.08 -58.50 21.77
CA LEU D 45 -2.75 -59.47 20.93
C LEU D 45 -1.91 -59.83 19.71
N TYR D 46 -1.24 -58.83 19.14
CA TYR D 46 -0.39 -59.10 17.97
C TYR D 46 0.66 -60.12 18.39
N LYS D 47 1.30 -59.84 19.51
CA LYS D 47 2.33 -60.70 20.08
C LYS D 47 1.82 -62.12 20.31
N GLU D 48 0.58 -62.25 20.74
CA GLU D 48 0.03 -63.57 20.95
C GLU D 48 0.03 -64.32 19.62
N LEU D 49 -0.41 -63.64 18.56
CA LEU D 49 -0.47 -64.26 17.23
C LEU D 49 0.93 -64.65 16.76
N VAL D 50 1.89 -63.74 16.96
CA VAL D 50 3.27 -63.99 16.56
C VAL D 50 3.73 -65.32 17.11
N ASP D 51 3.73 -65.42 18.43
CA ASP D 51 4.12 -66.63 19.13
C ASP D 51 3.45 -67.88 18.57
N ILE D 52 2.13 -67.87 18.45
CA ILE D 52 1.44 -69.04 17.92
C ILE D 52 2.00 -69.40 16.55
N GLU D 53 2.06 -68.44 15.64
CA GLU D 53 2.59 -68.68 14.30
C GLU D 53 4.03 -69.18 14.36
N THR D 54 4.74 -68.80 15.40
CA THR D 54 6.12 -69.25 15.57
C THR D 54 6.13 -70.70 16.07
N GLU D 55 5.11 -71.08 16.83
CA GLU D 55 5.00 -72.43 17.36
C GLU D 55 4.33 -73.31 16.31
N PHE D 56 3.53 -72.69 15.46
CA PHE D 56 2.82 -73.40 14.40
C PHE D 56 2.96 -72.65 13.08
N PRO D 57 4.17 -72.57 12.54
CA PRO D 57 4.41 -71.85 11.28
C PRO D 57 3.40 -72.20 10.20
N ASP D 58 2.98 -73.46 10.17
CA ASP D 58 2.01 -73.89 9.18
C ASP D 58 0.80 -72.96 9.20
N LEU D 59 0.43 -72.47 10.38
CA LEU D 59 -0.73 -71.60 10.50
C LEU D 59 -0.58 -70.21 9.88
N ILE D 60 0.63 -69.86 9.46
CA ILE D 60 0.85 -68.55 8.86
C ILE D 60 0.13 -68.44 7.52
N THR D 61 -0.63 -67.37 7.34
CA THR D 61 -1.35 -67.16 6.10
C THR D 61 -1.19 -65.72 5.60
N PRO D 62 -1.31 -65.52 4.28
CA PRO D 62 -1.18 -64.25 3.59
C PRO D 62 -1.92 -63.04 4.19
N ASP D 63 -3.15 -63.25 4.65
CA ASP D 63 -3.92 -62.13 5.22
C ASP D 63 -3.65 -61.91 6.70
N SER D 64 -2.64 -62.61 7.23
CA SER D 64 -2.29 -62.46 8.63
C SER D 64 -1.60 -61.14 8.88
N PRO D 65 -2.01 -60.43 9.95
CA PRO D 65 -1.40 -59.16 10.27
C PRO D 65 0.12 -59.21 10.41
N THR D 66 0.65 -60.41 10.65
CA THR D 66 2.10 -60.57 10.78
C THR D 66 2.78 -60.55 9.42
N GLN D 67 1.98 -60.63 8.37
CA GLN D 67 2.51 -60.66 7.01
C GLN D 67 2.21 -59.40 6.20
N ARG D 68 1.67 -58.37 6.87
CA ARG D 68 1.32 -57.12 6.19
C ARG D 68 1.99 -55.89 6.81
N VAL D 69 1.85 -54.76 6.13
CA VAL D 69 2.37 -53.49 6.61
C VAL D 69 1.22 -52.48 6.43
N GLY D 70 1.07 -51.57 7.39
CA GLY D 70 0.02 -50.57 7.32
C GLY D 70 -1.37 -51.07 6.97
N GLY D 71 -2.06 -50.35 6.08
CA GLY D 71 -3.41 -50.72 5.67
C GLY D 71 -3.78 -50.28 4.25
N LYS D 72 -5.05 -50.50 3.89
CA LYS D 72 -5.58 -50.13 2.58
C LYS D 72 -5.78 -48.63 2.41
N VAL D 73 -5.60 -48.14 1.18
CA VAL D 73 -5.74 -46.72 0.83
C VAL D 73 -7.12 -46.13 1.06
N LEU D 74 -7.13 -44.89 1.55
CA LEU D 74 -8.35 -44.15 1.85
C LEU D 74 -8.94 -43.45 0.61
N SER D 75 -9.67 -44.22 -0.20
CA SER D 75 -10.31 -43.76 -1.43
C SER D 75 -9.97 -42.34 -1.90
N GLY D 76 -10.82 -41.38 -1.56
CA GLY D 76 -10.65 -39.98 -1.92
C GLY D 76 -9.32 -39.54 -2.50
N PHE D 77 -8.21 -39.98 -1.92
CA PHE D 77 -6.90 -39.59 -2.42
C PHE D 77 -6.51 -40.38 -3.66
N GLU D 78 -5.47 -39.92 -4.33
CA GLU D 78 -4.97 -40.58 -5.52
C GLU D 78 -3.95 -41.63 -5.07
N LYS D 79 -4.12 -42.86 -5.54
CA LYS D 79 -3.20 -43.94 -5.20
C LYS D 79 -1.80 -43.51 -5.58
N ALA D 80 -0.82 -43.86 -4.76
CA ALA D 80 0.57 -43.49 -5.02
C ALA D 80 1.45 -44.69 -4.78
N PRO D 81 1.75 -45.44 -5.84
CA PRO D 81 2.59 -46.64 -5.78
C PRO D 81 3.99 -46.35 -5.21
N HIS D 82 4.56 -47.33 -4.52
CA HIS D 82 5.89 -47.18 -3.95
C HIS D 82 6.88 -48.03 -4.73
N ASP D 83 7.59 -47.42 -5.67
CA ASP D 83 8.58 -48.12 -6.49
C ASP D 83 9.36 -49.06 -5.57
N ILE D 84 10.05 -48.46 -4.62
CA ILE D 84 10.80 -49.19 -3.61
C ILE D 84 9.73 -49.32 -2.54
N PRO D 85 9.41 -50.55 -2.11
CA PRO D 85 8.37 -50.71 -1.09
C PRO D 85 8.70 -50.12 0.27
N MET D 86 7.66 -49.89 1.05
CA MET D 86 7.82 -49.35 2.39
C MET D 86 7.49 -50.47 3.35
N TYR D 87 8.18 -50.52 4.49
CA TYR D 87 7.93 -51.58 5.44
C TYR D 87 7.58 -51.08 6.83
N SER D 88 7.66 -52.00 7.77
CA SER D 88 7.39 -51.74 9.17
C SER D 88 8.73 -52.02 9.85
N LEU D 89 8.71 -52.27 11.15
CA LEU D 89 9.95 -52.56 11.86
C LEU D 89 9.69 -53.63 12.91
N ASN D 90 10.64 -54.54 13.09
CA ASN D 90 10.51 -55.57 14.10
C ASN D 90 10.70 -54.83 15.42
N ASP D 91 9.78 -55.05 16.35
CA ASP D 91 9.83 -54.39 17.65
C ASP D 91 10.45 -55.19 18.77
N GLY D 92 10.97 -54.46 19.77
CA GLY D 92 11.59 -55.06 20.93
C GLY D 92 11.02 -54.37 22.16
N PHE D 93 10.96 -55.08 23.28
CA PHE D 93 10.39 -54.48 24.49
C PHE D 93 11.23 -54.63 25.73
N SER D 94 12.21 -55.53 25.69
CA SER D 94 13.05 -55.77 26.84
C SER D 94 14.50 -55.62 26.47
N LYS D 95 15.35 -55.46 27.48
CA LYS D 95 16.77 -55.34 27.24
C LYS D 95 17.22 -56.56 26.47
N GLU D 96 16.62 -57.71 26.77
CA GLU D 96 16.98 -58.93 26.09
C GLU D 96 16.76 -58.83 24.57
N ASP D 97 15.57 -58.40 24.17
CA ASP D 97 15.26 -58.26 22.74
C ASP D 97 16.39 -57.56 21.97
N ILE D 98 16.90 -56.45 22.51
CA ILE D 98 17.96 -55.72 21.84
C ILE D 98 19.20 -56.58 21.75
N PHE D 99 19.63 -57.11 22.88
CA PHE D 99 20.80 -57.98 22.93
C PHE D 99 20.64 -59.14 21.95
N ALA D 100 19.47 -59.77 21.97
CA ALA D 100 19.21 -60.88 21.07
C ALA D 100 19.52 -60.40 19.66
N PHE D 101 18.90 -59.28 19.30
CA PHE D 101 19.05 -58.66 18.00
C PHE D 101 20.50 -58.56 17.56
N ASP D 102 21.31 -57.89 18.37
CA ASP D 102 22.71 -57.71 18.06
C ASP D 102 23.44 -59.03 17.83
N GLU D 103 23.05 -60.06 18.57
CA GLU D 103 23.68 -61.36 18.41
C GLU D 103 23.34 -61.92 17.05
N ARG D 104 22.05 -61.96 16.72
CA ARG D 104 21.62 -62.46 15.43
C ARG D 104 22.35 -61.70 14.32
N VAL D 105 22.45 -60.38 14.48
CA VAL D 105 23.12 -59.54 13.51
C VAL D 105 24.60 -59.91 13.39
N ARG D 106 25.33 -59.81 14.49
CA ARG D 106 26.75 -60.15 14.46
C ARG D 106 26.98 -61.56 13.94
N LYS D 107 26.06 -62.48 14.24
CA LYS D 107 26.21 -63.84 13.75
C LYS D 107 26.04 -63.86 12.23
N ALA D 108 24.92 -63.33 11.75
CA ALA D 108 24.63 -63.29 10.33
C ALA D 108 25.72 -62.56 9.53
N ILE D 109 26.26 -61.48 10.07
CA ILE D 109 27.31 -60.71 9.40
C ILE D 109 28.69 -61.28 9.70
N GLY D 110 28.77 -62.09 10.76
CA GLY D 110 30.03 -62.69 11.14
C GLY D 110 31.07 -61.76 11.70
N LYS D 111 30.64 -60.72 12.41
CA LYS D 111 31.57 -59.77 13.01
C LYS D 111 30.85 -58.58 13.61
N PRO D 112 31.48 -57.91 14.58
CA PRO D 112 30.87 -56.74 15.22
C PRO D 112 30.45 -55.73 14.15
N VAL D 113 29.31 -55.09 14.35
CA VAL D 113 28.84 -54.08 13.40
C VAL D 113 28.43 -52.86 14.19
N ALA D 114 28.63 -51.67 13.63
CA ALA D 114 28.24 -50.45 14.31
C ALA D 114 26.76 -50.20 14.01
N TYR D 115 26.12 -49.36 14.83
CA TYR D 115 24.71 -49.09 14.64
C TYR D 115 24.36 -47.60 14.70
N CYS D 116 23.45 -47.18 13.84
CA CYS D 116 23.01 -45.80 13.85
C CYS D 116 21.75 -45.81 14.69
N CYS D 117 21.80 -45.11 15.82
CA CYS D 117 20.67 -45.04 16.72
C CYS D 117 19.93 -43.74 16.54
N GLU D 118 18.63 -43.84 16.32
CA GLU D 118 17.80 -42.68 16.12
C GLU D 118 16.54 -42.78 16.95
N LEU D 119 15.93 -41.63 17.24
CA LEU D 119 14.71 -41.56 18.01
C LEU D 119 13.55 -41.96 17.10
N LYS D 120 12.58 -42.69 17.64
CA LYS D 120 11.44 -43.10 16.85
C LYS D 120 10.39 -42.01 16.96
N ILE D 121 10.38 -41.11 15.99
CA ILE D 121 9.44 -40.01 16.01
C ILE D 121 8.02 -40.51 15.87
N ASP D 122 7.21 -40.24 16.88
CA ASP D 122 5.82 -40.70 16.89
C ASP D 122 4.91 -39.82 16.04
N GLY D 123 4.83 -40.14 14.76
CA GLY D 123 4.01 -39.40 13.83
C GLY D 123 3.53 -40.26 12.67
N LEU D 124 3.46 -39.68 11.47
CA LEU D 124 3.01 -40.41 10.30
C LEU D 124 4.18 -40.75 9.37
N ALA D 125 4.11 -41.92 8.76
CA ALA D 125 5.16 -42.36 7.86
C ALA D 125 4.96 -41.67 6.51
N ILE D 126 6.00 -41.02 5.99
CA ILE D 126 5.88 -40.36 4.69
C ILE D 126 7.03 -40.58 3.73
N SER D 127 6.71 -40.51 2.43
CA SER D 127 7.70 -40.68 1.37
C SER D 127 7.59 -39.49 0.42
N LEU D 128 8.69 -38.79 0.20
CA LEU D 128 8.71 -37.62 -0.69
C LEU D 128 9.51 -37.86 -1.94
N ARG D 129 8.93 -37.52 -3.08
CA ARG D 129 9.60 -37.69 -4.37
C ARG D 129 10.01 -36.36 -5.00
N TYR D 130 11.29 -36.25 -5.31
CA TYR D 130 11.84 -35.06 -5.93
C TYR D 130 12.46 -35.37 -7.29
N GLU D 131 12.05 -34.63 -8.32
CA GLU D 131 12.58 -34.81 -9.67
C GLU D 131 13.30 -33.52 -10.05
N ASN D 132 14.62 -33.58 -10.03
CA ASN D 132 15.46 -32.44 -10.36
C ASN D 132 15.43 -31.34 -9.31
N GLY D 133 15.31 -31.75 -8.05
CA GLY D 133 15.28 -30.79 -6.95
C GLY D 133 13.89 -30.24 -6.70
N VAL D 134 12.91 -30.77 -7.43
CA VAL D 134 11.56 -30.30 -7.30
C VAL D 134 10.62 -31.33 -6.70
N PHE D 135 9.94 -30.92 -5.62
CA PHE D 135 8.99 -31.76 -4.94
C PHE D 135 7.84 -32.08 -5.89
N VAL D 136 7.78 -33.31 -6.36
CA VAL D 136 6.72 -33.69 -7.28
C VAL D 136 5.67 -34.58 -6.64
N ARG D 137 6.06 -35.42 -5.67
CA ARG D 137 5.07 -36.27 -5.03
C ARG D 137 5.28 -36.54 -3.54
N GLY D 138 4.16 -36.61 -2.82
CA GLY D 138 4.19 -36.89 -1.40
C GLY D 138 3.21 -38.01 -1.14
N ALA D 139 3.66 -39.06 -0.48
CA ALA D 139 2.77 -40.19 -0.22
C ALA D 139 2.81 -40.76 1.18
N THR D 140 1.72 -41.40 1.56
CA THR D 140 1.61 -42.06 2.86
C THR D 140 2.12 -43.48 2.65
N ARG D 141 2.34 -44.19 3.75
CA ARG D 141 2.83 -45.55 3.64
C ARG D 141 1.75 -46.48 3.08
N GLY D 142 0.50 -46.23 3.45
CA GLY D 142 -0.57 -47.10 2.98
C GLY D 142 -0.27 -48.54 3.37
N ASP D 143 -0.21 -49.43 2.39
CA ASP D 143 0.06 -50.82 2.68
C ASP D 143 1.47 -51.26 2.27
N GLY D 144 2.40 -50.31 2.19
CA GLY D 144 3.76 -50.64 1.83
C GLY D 144 4.07 -50.68 0.34
N THR D 145 3.06 -50.89 -0.49
CA THR D 145 3.27 -50.93 -1.93
C THR D 145 2.49 -49.80 -2.59
N VAL D 146 1.35 -49.48 -2.01
CA VAL D 146 0.50 -48.40 -2.50
C VAL D 146 -0.01 -47.51 -1.38
N GLY D 147 0.48 -46.27 -1.35
CA GLY D 147 0.06 -45.31 -0.34
C GLY D 147 -0.90 -44.32 -0.97
N GLU D 148 -1.11 -43.18 -0.33
CA GLU D 148 -2.01 -42.15 -0.87
C GLU D 148 -1.22 -40.91 -1.23
N ASN D 149 -1.56 -40.31 -2.37
CA ASN D 149 -0.88 -39.10 -2.81
C ASN D 149 -1.43 -37.92 -2.04
N ILE D 150 -0.60 -37.35 -1.17
CA ILE D 150 -1.00 -36.22 -0.36
C ILE D 150 -0.03 -35.08 -0.60
N THR D 151 0.53 -35.02 -1.80
CA THR D 151 1.49 -33.99 -2.16
C THR D 151 0.90 -32.62 -1.84
N GLU D 152 -0.35 -32.43 -2.22
CA GLU D 152 -1.05 -31.18 -1.97
C GLU D 152 -0.87 -30.79 -0.51
N ASN D 153 -1.46 -31.56 0.41
CA ASN D 153 -1.37 -31.27 1.84
C ASN D 153 0.07 -31.09 2.32
N LEU D 154 0.99 -31.92 1.82
CA LEU D 154 2.36 -31.79 2.23
C LEU D 154 2.97 -30.43 1.92
N ARG D 155 2.53 -29.80 0.82
CA ARG D 155 3.07 -28.49 0.46
C ARG D 155 2.72 -27.44 1.50
N THR D 156 1.77 -27.78 2.38
CA THR D 156 1.35 -26.86 3.45
C THR D 156 2.25 -26.96 4.67
N VAL D 157 3.21 -27.86 4.63
CA VAL D 157 4.12 -28.03 5.76
C VAL D 157 5.46 -27.36 5.45
N ARG D 158 5.70 -26.23 6.13
CA ARG D 158 6.91 -25.45 5.92
C ARG D 158 8.21 -26.22 5.82
N SER D 159 8.45 -27.16 6.73
CA SER D 159 9.69 -27.94 6.71
C SER D 159 9.92 -28.74 5.43
N VAL D 160 8.84 -29.06 4.71
CA VAL D 160 8.97 -29.80 3.46
C VAL D 160 9.50 -28.88 2.38
N PRO D 161 10.76 -29.04 1.99
CA PRO D 161 11.32 -28.17 0.96
C PRO D 161 10.65 -28.37 -0.40
N MET D 162 10.31 -27.28 -1.06
CA MET D 162 9.68 -27.38 -2.36
C MET D 162 10.78 -27.57 -3.39
N ARG D 163 11.96 -27.06 -3.08
CA ARG D 163 13.11 -27.16 -3.98
C ARG D 163 14.38 -27.46 -3.20
N LEU D 164 14.98 -28.62 -3.48
CA LEU D 164 16.21 -29.03 -2.82
C LEU D 164 17.33 -28.07 -3.19
N THR D 165 18.51 -28.28 -2.63
CA THR D 165 19.64 -27.41 -2.94
C THR D 165 20.27 -27.83 -4.26
N GLU D 166 20.14 -29.10 -4.58
CA GLU D 166 20.66 -29.66 -5.82
C GLU D 166 19.50 -30.13 -6.68
N PRO D 167 19.53 -29.80 -7.97
CA PRO D 167 18.46 -30.20 -8.89
C PRO D 167 18.58 -31.68 -9.17
N ILE D 168 18.48 -32.48 -8.12
CA ILE D 168 18.60 -33.94 -8.24
C ILE D 168 17.28 -34.66 -8.05
N SER D 169 17.24 -35.92 -8.46
CA SER D 169 16.03 -36.73 -8.33
C SER D 169 16.18 -37.85 -7.30
N VAL D 170 15.46 -37.71 -6.19
CA VAL D 170 15.52 -38.68 -5.12
C VAL D 170 14.16 -38.93 -4.48
N GLU D 171 14.04 -40.08 -3.83
CA GLU D 171 12.81 -40.46 -3.13
C GLU D 171 13.20 -40.88 -1.72
N VAL D 172 13.02 -39.96 -0.78
CA VAL D 172 13.34 -40.22 0.62
C VAL D 172 12.11 -40.46 1.51
N ARG D 173 12.35 -40.96 2.72
CA ARG D 173 11.28 -41.25 3.68
C ARG D 173 11.57 -40.71 5.06
N GLY D 174 10.52 -40.39 5.80
CA GLY D 174 10.68 -39.88 7.14
C GLY D 174 9.35 -39.88 7.88
N GLU D 175 9.20 -38.97 8.83
CA GLU D 175 7.99 -38.91 9.62
C GLU D 175 7.41 -37.50 9.65
N CYS D 176 6.09 -37.37 9.78
CA CYS D 176 5.46 -36.07 9.89
C CYS D 176 4.73 -36.12 11.24
N TYR D 177 4.96 -35.13 12.10
CA TYR D 177 4.33 -35.13 13.40
C TYR D 177 3.74 -33.79 13.80
N MET D 178 3.12 -33.79 14.97
CA MET D 178 2.51 -32.60 15.52
C MET D 178 3.17 -32.43 16.89
N PRO D 179 4.07 -31.45 17.03
CA PRO D 179 4.76 -31.22 18.31
C PRO D 179 3.82 -31.22 19.51
N LYS D 180 4.29 -31.75 20.64
CA LYS D 180 3.50 -31.82 21.86
C LYS D 180 2.67 -30.55 22.07
N GLN D 181 3.34 -29.41 21.96
CA GLN D 181 2.68 -28.12 22.14
C GLN D 181 1.36 -28.03 21.38
N SER D 182 1.47 -27.95 20.05
CA SER D 182 0.31 -27.83 19.18
C SER D 182 -0.75 -28.89 19.43
N PHE D 183 -0.32 -30.10 19.80
CA PHE D 183 -1.24 -31.20 20.07
C PHE D 183 -2.17 -30.86 21.22
N VAL D 184 -1.62 -30.30 22.28
CA VAL D 184 -2.42 -29.90 23.42
C VAL D 184 -3.48 -28.95 22.87
N ALA D 185 -3.00 -27.86 22.30
CA ALA D 185 -3.86 -26.84 21.72
C ALA D 185 -4.95 -27.47 20.85
N LEU D 186 -4.52 -28.10 19.75
CA LEU D 186 -5.47 -28.72 18.83
C LEU D 186 -6.71 -29.34 19.47
N ASN D 187 -6.59 -30.54 20.05
CA ASN D 187 -7.76 -31.19 20.64
C ASN D 187 -8.39 -30.54 21.87
N GLU D 188 -7.67 -29.67 22.57
CA GLU D 188 -8.28 -29.00 23.70
C GLU D 188 -9.22 -27.98 23.07
N GLU D 189 -8.79 -27.47 21.91
CA GLU D 189 -9.56 -26.50 21.15
C GLU D 189 -10.80 -27.19 20.59
N ARG D 190 -10.59 -28.40 20.06
CA ARG D 190 -11.69 -29.18 19.49
C ARG D 190 -12.76 -29.44 20.54
N GLU D 191 -12.35 -29.53 21.80
CA GLU D 191 -13.31 -29.75 22.87
C GLU D 191 -14.21 -28.52 22.94
N GLU D 192 -13.59 -27.36 22.90
CA GLU D 192 -14.30 -26.08 22.93
C GLU D 192 -15.26 -26.00 21.74
N ASN D 193 -15.13 -26.96 20.83
CA ASN D 193 -15.96 -27.02 19.63
C ASN D 193 -16.77 -28.31 19.60
N GLY D 194 -16.63 -29.11 20.65
CA GLY D 194 -17.36 -30.37 20.73
C GLY D 194 -16.85 -31.45 19.79
N GLN D 195 -15.57 -31.38 19.44
CA GLN D 195 -14.96 -32.37 18.56
C GLN D 195 -14.24 -33.43 19.38
N ASP D 196 -14.25 -34.66 18.88
CA ASP D 196 -13.60 -35.77 19.56
C ASP D 196 -12.09 -35.56 19.64
N ILE D 197 -11.59 -35.15 20.80
CA ILE D 197 -10.16 -34.93 20.98
C ILE D 197 -9.38 -36.05 20.33
N PHE D 198 -8.21 -35.72 19.78
CA PHE D 198 -7.40 -36.75 19.16
C PHE D 198 -6.79 -37.60 20.26
N ALA D 199 -6.70 -38.91 20.00
CA ALA D 199 -6.14 -39.85 20.96
C ALA D 199 -4.73 -39.45 21.36
N ASN D 200 -3.78 -39.67 20.45
CA ASN D 200 -2.39 -39.35 20.68
C ASN D 200 -1.83 -38.54 19.51
N PRO D 201 -0.63 -37.95 19.68
CA PRO D 201 0.02 -37.14 18.64
C PRO D 201 -0.02 -37.78 17.26
N ARG D 202 0.26 -39.08 17.21
CA ARG D 202 0.26 -39.82 15.95
C ARG D 202 -1.08 -39.74 15.22
N ASN D 203 -2.16 -39.98 15.95
CA ASN D 203 -3.50 -39.95 15.34
C ASN D 203 -3.94 -38.54 14.97
N ALA D 204 -3.35 -37.53 15.60
CA ALA D 204 -3.69 -36.14 15.28
C ALA D 204 -2.96 -35.78 14.00
N ALA D 205 -1.69 -36.17 13.93
CA ALA D 205 -0.88 -35.90 12.76
C ALA D 205 -1.45 -36.68 11.58
N ALA D 206 -1.87 -37.91 11.85
CA ALA D 206 -2.43 -38.78 10.83
C ALA D 206 -3.73 -38.23 10.27
N GLY D 207 -4.66 -37.94 11.17
CA GLY D 207 -5.95 -37.41 10.76
C GLY D 207 -5.85 -36.09 10.03
N SER D 208 -4.77 -35.36 10.29
CA SER D 208 -4.55 -34.08 9.65
C SER D 208 -4.07 -34.26 8.21
N LEU D 209 -2.96 -34.96 8.04
CA LEU D 209 -2.41 -35.17 6.72
C LEU D 209 -3.32 -36.00 5.82
N ARG D 210 -4.31 -36.67 6.41
CA ARG D 210 -5.20 -37.50 5.61
C ARG D 210 -6.52 -36.81 5.37
N GLN D 211 -6.58 -35.52 5.73
CA GLN D 211 -7.76 -34.71 5.51
C GLN D 211 -7.80 -34.39 4.01
N LEU D 212 -8.97 -34.53 3.39
CA LEU D 212 -9.08 -34.25 1.97
C LEU D 212 -8.95 -32.77 1.63
N ASP D 213 -9.46 -31.93 2.51
CA ASP D 213 -9.41 -30.49 2.32
C ASP D 213 -8.10 -29.93 2.88
N THR D 214 -7.27 -29.37 2.01
CA THR D 214 -6.00 -28.80 2.43
C THR D 214 -6.23 -27.51 3.21
N LYS D 215 -7.44 -26.97 3.09
CA LYS D 215 -7.78 -25.74 3.80
C LYS D 215 -7.63 -26.00 5.29
N ILE D 216 -8.06 -27.18 5.73
CA ILE D 216 -7.98 -27.57 7.13
C ILE D 216 -6.57 -28.00 7.51
N VAL D 217 -5.90 -28.70 6.60
CA VAL D 217 -4.54 -29.16 6.85
C VAL D 217 -3.53 -28.04 7.07
N ALA D 218 -3.63 -26.99 6.26
CA ALA D 218 -2.71 -25.87 6.33
C ALA D 218 -2.63 -25.24 7.72
N LYS D 219 -3.72 -25.35 8.48
CA LYS D 219 -3.76 -24.78 9.82
C LYS D 219 -3.39 -25.73 10.96
N ARG D 220 -3.29 -27.02 10.65
CA ARG D 220 -2.99 -28.00 11.69
C ARG D 220 -1.58 -27.94 12.30
N ASN D 221 -0.64 -27.36 11.60
CA ASN D 221 0.73 -27.23 12.11
C ASN D 221 1.48 -28.55 12.32
N LEU D 222 2.29 -28.91 11.34
CA LEU D 222 3.05 -30.14 11.37
C LEU D 222 4.50 -29.84 11.03
N ASN D 223 5.38 -30.76 11.38
CA ASN D 223 6.80 -30.59 11.08
C ASN D 223 7.25 -31.94 10.55
N THR D 224 8.53 -32.09 10.28
CA THR D 224 9.02 -33.36 9.76
C THR D 224 10.47 -33.67 10.11
N PHE D 225 10.82 -34.93 9.89
CA PHE D 225 12.16 -35.47 10.12
C PHE D 225 12.36 -36.54 9.07
N LEU D 226 13.37 -36.37 8.23
CA LEU D 226 13.66 -37.35 7.21
C LEU D 226 14.78 -38.24 7.72
N TYR D 227 14.63 -39.55 7.61
CA TYR D 227 15.65 -40.45 8.12
C TYR D 227 16.04 -41.62 7.22
N THR D 228 15.41 -41.77 6.06
CA THR D 228 15.76 -42.86 5.17
C THR D 228 15.71 -42.54 3.67
N VAL D 229 16.86 -42.72 3.02
CA VAL D 229 17.00 -42.47 1.59
C VAL D 229 16.66 -43.73 0.80
N ALA D 230 15.56 -43.71 0.07
CA ALA D 230 15.12 -44.85 -0.73
C ALA D 230 15.76 -44.88 -2.13
N ASP D 231 15.56 -43.81 -2.91
CA ASP D 231 16.14 -43.74 -4.24
C ASP D 231 17.29 -42.74 -4.22
N PHE D 232 18.47 -43.24 -3.88
CA PHE D 232 19.69 -42.44 -3.78
C PHE D 232 19.94 -41.42 -4.87
N GLY D 233 19.40 -41.66 -6.06
CA GLY D 233 19.64 -40.73 -7.14
C GLY D 233 21.15 -40.57 -7.25
N PRO D 234 21.66 -39.34 -7.20
CA PRO D 234 23.10 -39.11 -7.30
C PRO D 234 23.81 -39.21 -5.95
N MET D 235 23.03 -39.19 -4.87
CA MET D 235 23.59 -39.29 -3.52
C MET D 235 24.61 -40.41 -3.42
N LYS D 236 25.65 -40.20 -2.62
CA LYS D 236 26.70 -41.21 -2.47
C LYS D 236 27.00 -41.62 -1.03
N ALA D 237 25.97 -41.68 -0.17
CA ALA D 237 26.16 -42.07 1.22
C ALA D 237 26.31 -43.59 1.31
N LYS D 238 27.30 -44.03 2.05
CA LYS D 238 27.57 -45.46 2.21
C LYS D 238 27.08 -46.03 3.54
N THR D 239 26.70 -45.17 4.46
CA THR D 239 26.21 -45.61 5.76
C THR D 239 25.06 -44.73 6.23
N GLN D 240 24.16 -45.32 7.01
CA GLN D 240 23.01 -44.61 7.52
C GLN D 240 23.35 -43.30 8.21
N PHE D 241 24.34 -43.33 9.09
CA PHE D 241 24.74 -42.13 9.82
C PHE D 241 25.16 -41.02 8.87
N GLU D 242 25.67 -41.41 7.71
CA GLU D 242 26.12 -40.46 6.70
C GLU D 242 24.92 -39.86 5.99
N ALA D 243 24.03 -40.73 5.52
CA ALA D 243 22.82 -40.32 4.82
C ALA D 243 22.06 -39.21 5.54
N LEU D 244 21.94 -39.32 6.85
CA LEU D 244 21.23 -38.32 7.63
C LEU D 244 21.81 -36.92 7.39
N GLU D 245 23.12 -36.86 7.20
CA GLU D 245 23.83 -35.61 6.96
C GLU D 245 23.61 -35.12 5.55
N GLU D 246 23.64 -36.07 4.62
CA GLU D 246 23.44 -35.77 3.21
C GLU D 246 22.02 -35.22 3.08
N LEU D 247 21.06 -35.94 3.65
CA LEU D 247 19.66 -35.51 3.61
C LEU D 247 19.56 -34.11 4.18
N SER D 248 20.32 -33.86 5.23
CA SER D 248 20.32 -32.56 5.87
C SER D 248 20.78 -31.52 4.85
N ALA D 249 21.88 -31.80 4.17
CA ALA D 249 22.46 -30.92 3.17
C ALA D 249 21.54 -30.65 1.97
N ILE D 250 20.96 -31.71 1.41
CA ILE D 250 20.07 -31.59 0.27
C ILE D 250 18.88 -30.64 0.56
N GLY D 251 18.73 -30.26 1.83
CA GLY D 251 17.66 -29.36 2.21
C GLY D 251 16.55 -29.92 3.10
N PHE D 252 16.70 -31.16 3.58
CA PHE D 252 15.67 -31.73 4.44
C PHE D 252 15.98 -31.54 5.92
N ARG D 253 14.93 -31.57 6.73
CA ARG D 253 15.05 -31.42 8.17
C ARG D 253 15.28 -32.83 8.72
N THR D 254 16.34 -32.98 9.51
CA THR D 254 16.68 -34.27 10.10
C THR D 254 16.83 -34.13 11.62
N ASN D 255 16.53 -35.19 12.34
CA ASN D 255 16.65 -35.18 13.79
C ASN D 255 18.11 -35.22 14.19
N PRO D 256 18.51 -34.34 15.12
CA PRO D 256 19.89 -34.23 15.62
C PRO D 256 20.31 -35.22 16.73
N GLU D 257 19.34 -35.85 17.38
CA GLU D 257 19.65 -36.77 18.46
C GLU D 257 20.28 -38.11 18.03
N ARG D 258 20.54 -38.25 16.75
CA ARG D 258 21.16 -39.47 16.23
C ARG D 258 22.51 -39.65 16.93
N GLN D 259 23.00 -40.88 16.95
CA GLN D 259 24.29 -41.17 17.57
C GLN D 259 24.81 -42.48 16.99
N LEU D 260 26.11 -42.56 16.77
CA LEU D 260 26.68 -43.78 16.20
C LEU D 260 27.20 -44.67 17.32
N CYS D 261 26.78 -45.93 17.30
CA CYS D 261 27.20 -46.85 18.34
C CYS D 261 28.00 -48.02 17.81
N GLN D 262 29.00 -48.43 18.59
CA GLN D 262 29.89 -49.52 18.22
C GLN D 262 29.56 -50.86 18.87
N SER D 263 28.88 -50.82 20.02
CA SER D 263 28.54 -52.05 20.73
C SER D 263 27.13 -52.01 21.30
N ILE D 264 26.60 -53.20 21.58
CA ILE D 264 25.26 -53.32 22.14
C ILE D 264 25.20 -52.48 23.43
N ASP D 265 26.28 -52.47 24.19
CA ASP D 265 26.32 -51.69 25.42
C ASP D 265 26.03 -50.22 25.13
N GLU D 266 26.64 -49.70 24.07
CA GLU D 266 26.41 -48.31 23.71
C GLU D 266 24.97 -48.12 23.29
N VAL D 267 24.43 -49.07 22.54
CA VAL D 267 23.04 -48.99 22.11
C VAL D 267 22.11 -48.87 23.32
N TRP D 268 22.22 -49.84 24.23
CA TRP D 268 21.41 -49.88 25.44
C TRP D 268 21.51 -48.57 26.20
N ALA D 269 22.73 -48.10 26.41
CA ALA D 269 22.93 -46.84 27.12
C ALA D 269 22.16 -45.72 26.42
N TYR D 270 22.26 -45.68 25.10
CA TYR D 270 21.56 -44.69 24.31
C TYR D 270 20.08 -44.79 24.64
N ILE D 271 19.52 -45.98 24.45
CA ILE D 271 18.10 -46.23 24.74
C ILE D 271 17.72 -45.76 26.14
N GLU D 272 18.68 -45.85 27.06
CA GLU D 272 18.48 -45.45 28.44
C GLU D 272 18.47 -43.92 28.53
N GLU D 273 19.48 -43.30 27.93
CA GLU D 273 19.60 -41.85 27.96
C GLU D 273 18.36 -41.13 27.46
N TYR D 274 17.84 -41.58 26.32
CA TYR D 274 16.67 -40.93 25.76
C TYR D 274 15.34 -41.33 26.37
N HIS D 275 15.27 -42.46 27.06
CA HIS D 275 14.00 -42.79 27.67
C HIS D 275 13.80 -41.77 28.78
N GLU D 276 14.89 -41.39 29.44
CA GLU D 276 14.83 -40.42 30.53
C GLU D 276 14.72 -38.98 30.08
N LYS D 277 15.38 -38.63 28.98
CA LYS D 277 15.33 -37.25 28.46
C LYS D 277 13.99 -37.00 27.78
N ARG D 278 13.36 -38.09 27.38
CA ARG D 278 12.07 -38.07 26.71
C ARG D 278 11.20 -36.81 26.82
N SER D 279 10.88 -36.41 28.05
CA SER D 279 10.01 -35.24 28.25
C SER D 279 10.62 -33.88 27.92
N THR D 280 11.93 -33.83 27.72
CA THR D 280 12.59 -32.56 27.42
C THR D 280 12.40 -32.17 25.97
N LEU D 281 11.99 -33.12 25.13
CA LEU D 281 11.78 -32.85 23.73
C LEU D 281 10.36 -32.32 23.49
N PRO D 282 10.20 -31.44 22.49
CA PRO D 282 8.92 -30.82 22.10
C PRO D 282 7.99 -31.73 21.32
N TYR D 283 8.47 -32.92 21.00
CA TYR D 283 7.70 -33.88 20.22
C TYR D 283 7.72 -35.26 20.88
N GLU D 284 6.63 -36.01 20.73
CA GLU D 284 6.54 -37.34 21.29
C GLU D 284 7.34 -38.35 20.51
N ILE D 285 7.96 -39.29 21.22
CA ILE D 285 8.72 -40.36 20.58
C ILE D 285 8.15 -41.66 21.13
N ASP D 286 7.98 -42.67 20.28
CA ASP D 286 7.43 -43.92 20.78
C ASP D 286 8.48 -45.04 20.84
N GLY D 287 9.71 -44.65 21.18
CA GLY D 287 10.78 -45.62 21.29
C GLY D 287 12.07 -45.22 20.60
N ILE D 288 12.90 -46.22 20.34
CA ILE D 288 14.18 -46.01 19.69
C ILE D 288 14.29 -46.97 18.52
N VAL D 289 15.02 -46.58 17.49
CA VAL D 289 15.22 -47.44 16.33
C VAL D 289 16.72 -47.65 16.16
N ILE D 290 17.15 -48.91 16.15
CA ILE D 290 18.56 -49.21 15.97
C ILE D 290 18.73 -49.75 14.57
N LYS D 291 19.59 -49.10 13.78
CA LYS D 291 19.80 -49.54 12.39
C LYS D 291 21.25 -49.92 12.12
N VAL D 292 21.43 -50.92 11.27
CA VAL D 292 22.77 -51.34 10.88
C VAL D 292 23.31 -50.21 10.02
N ASN D 293 24.34 -49.53 10.49
CA ASN D 293 24.95 -48.40 9.79
C ASN D 293 25.48 -48.63 8.38
N GLU D 294 26.16 -49.74 8.15
CA GLU D 294 26.72 -50.03 6.83
C GLU D 294 25.67 -50.50 5.83
N PHE D 295 25.35 -49.64 4.84
CA PHE D 295 24.36 -50.00 3.83
C PHE D 295 24.67 -51.35 3.20
N ALA D 296 25.95 -51.64 3.02
CA ALA D 296 26.38 -52.90 2.45
C ALA D 296 25.86 -54.03 3.33
N LEU D 297 26.04 -53.89 4.64
CA LEU D 297 25.57 -54.89 5.58
C LEU D 297 24.05 -54.96 5.53
N GLN D 298 23.41 -53.79 5.53
CA GLN D 298 21.96 -53.70 5.46
C GLN D 298 21.46 -54.59 4.33
N ASP D 299 22.10 -54.41 3.17
CA ASP D 299 21.77 -55.15 1.97
C ASP D 299 21.96 -56.63 2.23
N GLU D 300 22.97 -56.93 3.04
CA GLU D 300 23.27 -58.31 3.35
C GLU D 300 22.13 -58.96 4.13
N LEU D 301 21.62 -58.27 5.14
CA LEU D 301 20.54 -58.81 5.96
C LEU D 301 19.21 -58.91 5.24
N GLY D 302 18.93 -57.96 4.36
CA GLY D 302 17.68 -57.99 3.62
C GLY D 302 16.42 -57.68 4.41
N PHE D 303 15.26 -58.04 3.85
CA PHE D 303 13.99 -57.78 4.50
C PHE D 303 13.20 -59.07 4.71
N THR D 304 12.19 -58.99 5.55
CA THR D 304 11.31 -60.12 5.80
C THR D 304 10.04 -59.74 5.06
N VAL D 305 8.93 -60.37 5.37
CA VAL D 305 7.71 -60.01 4.69
C VAL D 305 7.33 -58.55 4.99
N LYS D 306 7.48 -58.11 6.23
CA LYS D 306 7.08 -56.76 6.55
C LYS D 306 8.11 -55.86 7.21
N ALA D 307 9.35 -56.31 7.27
CA ALA D 307 10.34 -55.47 7.93
C ALA D 307 11.76 -55.83 7.61
N PRO D 308 12.66 -54.87 7.81
CA PRO D 308 14.09 -55.09 7.56
C PRO D 308 14.65 -55.96 8.68
N ARG D 309 15.78 -56.60 8.43
CA ARG D 309 16.41 -57.45 9.43
C ARG D 309 17.57 -56.69 10.02
N TRP D 310 17.91 -55.55 9.41
CA TRP D 310 19.03 -54.73 9.86
C TRP D 310 18.61 -53.57 10.77
N ALA D 311 17.44 -53.71 11.36
CA ALA D 311 16.94 -52.69 12.27
C ALA D 311 15.85 -53.24 13.18
N ILE D 312 15.77 -52.64 14.37
CA ILE D 312 14.78 -53.03 15.36
C ILE D 312 14.38 -51.76 16.11
N ALA D 313 13.12 -51.70 16.50
CA ALA D 313 12.63 -50.54 17.23
C ALA D 313 12.25 -50.92 18.65
N TYR D 314 13.01 -50.39 19.61
CA TYR D 314 12.73 -50.64 21.00
C TYR D 314 11.56 -49.72 21.32
N LYS D 315 10.43 -50.31 21.72
CA LYS D 315 9.24 -49.53 22.04
C LYS D 315 9.18 -48.92 23.43
N PHE D 316 8.63 -47.71 23.49
CA PHE D 316 8.44 -46.98 24.74
C PHE D 316 6.93 -46.81 24.85
N PRO D 317 6.34 -47.00 26.02
CA PRO D 317 4.89 -46.80 26.04
C PRO D 317 4.74 -45.27 26.04
N PRO D 318 3.55 -44.72 25.72
CA PRO D 318 3.44 -43.25 25.73
C PRO D 318 3.88 -42.63 27.05
N GLU D 319 4.64 -41.53 26.98
CA GLU D 319 5.15 -40.90 28.19
C GLU D 319 4.04 -40.39 29.09
N GLU D 320 2.83 -40.46 28.58
CA GLU D 320 1.66 -40.04 29.33
C GLU D 320 1.33 -41.15 30.34
N ALA D 321 1.60 -42.39 29.95
CA ALA D 321 1.33 -43.54 30.82
C ALA D 321 2.45 -43.81 31.83
N GLU D 322 3.51 -43.03 31.78
CA GLU D 322 4.62 -43.18 32.71
C GLU D 322 4.59 -42.01 33.67
N THR D 323 3.73 -41.04 33.36
CA THR D 323 3.60 -39.85 34.18
C THR D 323 2.14 -39.51 34.38
N VAL D 324 1.54 -40.05 35.45
CA VAL D 324 0.15 -39.77 35.72
C VAL D 324 0.02 -38.50 36.56
#